data_4C7D
#
_entry.id   4C7D
#
_cell.length_a   72.660
_cell.length_b   128.900
_cell.length_c   150.320
_cell.angle_alpha   90.00
_cell.angle_beta   90.00
_cell.angle_gamma   90.00
#
_symmetry.space_group_name_H-M   'P 21 21 21'
#
loop_
_entity.id
_entity.type
_entity.pdbx_description
1 polymer BETA-N-ACETYLHEXOSAMINIDASE
2 non-polymer 1,2-ETHANEDIOL
3 water water
#
_entity_poly.entity_id   1
_entity_poly.type   'polypeptide(L)'
_entity_poly.pdbx_seq_one_letter_code
;AEPTPLDRVIPAPASVEPGGAPYRITRGTHIRVDDSREARRVGDYLADLLRPATGYRLPVTSHGHGGIRLRLAEGPYGDE
GYRLDSGREGVTITARKAAGLFHGVQTLRQLLPAAVEKDSAQPGPWLVAGGTIEDTPRYAWRSAMLDVSRHFFSVDEVKR
YIDRVALYKYNKLHLHISDDQGWRLAIDSWPRLATYGGSTEVGGGPGGHYTKADYEEIVRYAASRHLEVVPEIDMPGHTN
AALASYAELNCDGVAPPLYTGTKVGFSTLCVDKDVTYDFVDDVLGELAALTPGRYLHIGGDEAHSTPQADFVAFMKRVQP
IVAKYGKTVVGWHQLAGAEPVEGALVQYWGLDRTSDAEKAQVAAAARNGTGLILSPADRTYLDMKYTKDTPLGLSWAGYV
EVRRSYDWDPAAYLPGAPAEAVRGVEAPLWTETLSDPDQLDFMAFPRLPGVAELGWSPASTHDWDTYKVRLAGQAPHWEA
MGIDYYRSPQVPWT
;
_entity_poly.pdbx_strand_id   A,B
#
loop_
_chem_comp.id
_chem_comp.type
_chem_comp.name
_chem_comp.formula
EDO non-polymer 1,2-ETHANEDIOL 'C2 H6 O2'
#
# COMPACT_ATOMS: atom_id res chain seq x y z
N GLU A 2 -1.50 16.53 -31.55
CA GLU A 2 -2.97 16.72 -31.38
C GLU A 2 -3.16 17.36 -30.03
N PRO A 3 -3.92 18.47 -29.96
CA PRO A 3 -4.31 18.94 -28.60
C PRO A 3 -5.24 17.96 -27.90
N THR A 4 -5.14 17.90 -26.58
CA THR A 4 -6.17 17.32 -25.73
C THR A 4 -7.50 17.86 -26.11
N PRO A 5 -8.52 17.00 -26.31
CA PRO A 5 -9.84 17.53 -26.69
C PRO A 5 -10.33 18.50 -25.68
N LEU A 6 -11.11 19.45 -26.17
CA LEU A 6 -11.61 20.52 -25.39
C LEU A 6 -12.46 20.05 -24.20
N ASP A 7 -13.20 18.93 -24.35
CA ASP A 7 -14.08 18.46 -23.27
C ASP A 7 -13.32 17.62 -22.17
N ARG A 8 -12.05 17.32 -22.36
CA ARG A 8 -11.35 16.46 -21.47
CA ARG A 8 -11.30 16.44 -21.47
C ARG A 8 -10.78 17.25 -20.28
N VAL A 9 -11.69 17.73 -19.46
CA VAL A 9 -11.35 18.50 -18.32
C VAL A 9 -12.22 18.02 -17.16
N ILE A 10 -11.70 18.13 -15.95
CA ILE A 10 -12.47 17.87 -14.73
C ILE A 10 -12.41 19.09 -13.80
N PRO A 11 -13.54 19.56 -13.33
CA PRO A 11 -14.93 19.20 -13.65
C PRO A 11 -15.31 19.33 -15.11
N ALA A 12 -16.12 18.41 -15.58
CA ALA A 12 -16.78 18.58 -16.88
C ALA A 12 -17.39 19.97 -16.99
N PRO A 13 -17.01 20.73 -18.07
CA PRO A 13 -17.58 22.05 -18.12
C PRO A 13 -19.03 22.01 -18.53
N ALA A 14 -19.74 23.06 -18.20
CA ALA A 14 -21.20 23.13 -18.45
C ALA A 14 -21.54 23.08 -19.96
N SER A 15 -20.69 23.65 -20.80
CA SER A 15 -20.92 23.64 -22.22
C SER A 15 -19.59 23.67 -22.94
N VAL A 16 -19.37 22.72 -23.82
CA VAL A 16 -18.16 22.61 -24.60
C VAL A 16 -18.53 22.54 -26.10
N GLU A 17 -18.03 23.50 -26.89
CA GLU A 17 -18.25 23.62 -28.35
C GLU A 17 -16.95 23.69 -29.12
N PRO A 18 -16.35 22.53 -29.44
CA PRO A 18 -15.10 22.32 -30.12
C PRO A 18 -15.22 22.84 -31.53
N GLY A 19 -14.15 23.42 -32.05
CA GLY A 19 -14.18 23.83 -33.47
C GLY A 19 -13.00 24.68 -33.77
N GLY A 20 -12.55 24.64 -35.02
CA GLY A 20 -11.51 25.57 -35.46
C GLY A 20 -10.13 25.04 -35.20
N ALA A 21 -9.16 25.81 -35.58
CA ALA A 21 -7.82 25.46 -35.34
C ALA A 21 -7.44 25.73 -33.87
N PRO A 22 -6.40 25.05 -33.36
CA PRO A 22 -6.03 25.35 -31.95
C PRO A 22 -5.17 26.62 -31.82
N TYR A 23 -5.03 27.16 -30.60
CA TYR A 23 -3.97 28.11 -30.31
C TYR A 23 -2.68 27.42 -30.05
N ARG A 24 -1.58 28.02 -30.49
CA ARG A 24 -0.24 27.53 -30.21
CA ARG A 24 -0.28 27.53 -30.19
C ARG A 24 0.44 28.55 -29.36
N ILE A 25 0.86 28.16 -28.17
CA ILE A 25 1.62 29.05 -27.33
C ILE A 25 3.02 29.01 -27.91
N THR A 26 3.59 30.19 -28.12
CA THR A 26 4.94 30.29 -28.76
C THR A 26 5.76 31.32 -28.04
N ARG A 27 7.02 31.44 -28.43
CA ARG A 27 7.87 32.46 -27.82
C ARG A 27 7.31 33.86 -27.88
N GLY A 28 6.45 34.14 -28.84
CA GLY A 28 5.82 35.48 -28.87
C GLY A 28 4.56 35.65 -28.08
N THR A 29 4.05 34.56 -27.46
CA THR A 29 2.84 34.67 -26.68
C THR A 29 3.00 35.62 -25.54
N HIS A 30 2.01 36.48 -25.33
CA HIS A 30 1.96 37.29 -24.14
C HIS A 30 0.62 37.07 -23.41
N ILE A 31 0.58 37.53 -22.19
CA ILE A 31 -0.60 37.53 -21.32
C ILE A 31 -1.10 38.93 -21.17
N ARG A 32 -2.31 39.15 -21.69
CA ARG A 32 -2.90 40.46 -21.65
C ARG A 32 -4.02 40.54 -20.64
N VAL A 33 -3.85 41.44 -19.72
CA VAL A 33 -4.82 41.69 -18.66
C VAL A 33 -5.36 43.08 -18.73
N ASP A 34 -6.50 43.25 -18.08
CA ASP A 34 -7.09 44.56 -17.89
C ASP A 34 -6.20 45.41 -17.06
N ASP A 35 -6.37 46.70 -17.19
CA ASP A 35 -5.44 47.59 -16.53
C ASP A 35 -5.83 47.82 -15.06
N SER A 36 -5.33 46.96 -14.16
CA SER A 36 -5.75 46.86 -12.72
C SER A 36 -5.02 45.76 -11.86
N ARG A 37 -5.28 45.74 -10.54
CA ARG A 37 -4.61 44.81 -9.62
C ARG A 37 -5.28 43.38 -9.62
N GLU A 38 -6.59 43.33 -9.49
CA GLU A 38 -7.37 42.07 -9.57
C GLU A 38 -6.81 41.28 -10.81
N ALA A 39 -6.77 42.05 -11.89
CA ALA A 39 -6.31 41.67 -13.20
C ALA A 39 -4.86 41.18 -13.26
N ARG A 40 -3.87 41.99 -12.88
CA ARG A 40 -2.49 41.56 -12.99
C ARG A 40 -2.20 40.35 -12.14
N ARG A 41 -2.89 40.23 -10.99
CA ARG A 41 -2.61 39.12 -10.07
C ARG A 41 -2.91 37.80 -10.74
N VAL A 42 -4.03 37.67 -11.40
CA VAL A 42 -4.30 36.44 -12.08
C VAL A 42 -3.35 36.25 -13.28
N GLY A 43 -3.04 37.35 -13.99
CA GLY A 43 -2.08 37.24 -15.05
C GLY A 43 -0.73 36.77 -14.59
N ASP A 44 -0.27 37.28 -13.44
CA ASP A 44 1.04 36.87 -12.91
C ASP A 44 1.00 35.40 -12.45
N TYR A 45 -0.12 35.02 -11.86
CA TYR A 45 -0.31 33.60 -11.51
C TYR A 45 -0.21 32.70 -12.75
N LEU A 46 -0.88 33.06 -13.82
CA LEU A 46 -0.79 32.31 -15.02
C LEU A 46 0.62 32.27 -15.57
N ALA A 47 1.32 33.40 -15.54
CA ALA A 47 2.71 33.41 -16.08
C ALA A 47 3.63 32.45 -15.32
N ASP A 48 3.46 32.47 -14.00
CA ASP A 48 4.19 31.62 -13.08
C ASP A 48 3.94 30.19 -13.36
N LEU A 49 2.76 29.86 -13.82
CA LEU A 49 2.45 28.48 -14.18
C LEU A 49 3.12 28.06 -15.50
N LEU A 50 3.24 28.98 -16.46
CA LEU A 50 3.61 28.58 -17.81
C LEU A 50 5.06 28.79 -18.10
N ARG A 51 5.69 29.75 -17.45
CA ARG A 51 7.06 30.15 -17.86
C ARG A 51 8.10 29.03 -17.68
N PRO A 52 8.03 28.30 -16.56
CA PRO A 52 9.10 27.29 -16.36
C PRO A 52 9.21 26.22 -17.42
N ALA A 53 8.09 25.59 -17.72
CA ALA A 53 8.06 24.57 -18.68
C ALA A 53 8.14 25.03 -20.12
N THR A 54 7.56 26.19 -20.46
CA THR A 54 7.68 26.59 -21.87
C THR A 54 9.05 27.19 -22.14
N GLY A 55 9.63 27.84 -21.14
CA GLY A 55 10.85 28.61 -21.31
C GLY A 55 10.61 29.94 -22.00
N TYR A 56 9.35 30.32 -22.22
CA TYR A 56 9.07 31.56 -22.92
C TYR A 56 8.97 32.70 -21.93
N ARG A 57 9.22 33.95 -22.35
N ARG A 57 9.19 33.91 -22.43
CA ARG A 57 9.16 35.09 -21.42
CA ARG A 57 9.18 35.12 -21.63
C ARG A 57 7.71 35.34 -20.95
C ARG A 57 7.75 35.37 -21.02
N LEU A 58 6.72 35.20 -21.83
CA LEU A 58 5.31 35.44 -21.43
C LEU A 58 5.10 36.68 -20.61
N PRO A 59 5.40 37.86 -21.20
CA PRO A 59 5.14 39.02 -20.39
C PRO A 59 3.67 39.28 -20.16
N VAL A 60 3.35 39.83 -19.01
CA VAL A 60 2.00 40.27 -18.65
C VAL A 60 1.91 41.78 -18.94
N THR A 61 0.99 42.16 -19.83
CA THR A 61 0.81 43.54 -20.20
C THR A 61 -0.67 43.86 -20.32
N SER A 62 -1.00 45.13 -20.63
CA SER A 62 -2.33 45.55 -20.98
C SER A 62 -2.46 46.03 -22.45
N HIS A 63 -1.63 45.51 -23.33
CA HIS A 63 -1.72 45.80 -24.75
C HIS A 63 -1.41 44.60 -25.58
N GLY A 64 -1.67 44.71 -26.87
CA GLY A 64 -1.21 43.72 -27.83
C GLY A 64 -2.28 42.77 -28.30
N HIS A 65 -2.32 42.52 -29.60
CA HIS A 65 -3.28 41.56 -30.15
CA HIS A 65 -3.24 41.56 -30.21
C HIS A 65 -2.89 40.14 -29.72
N GLY A 66 -3.87 39.28 -29.65
CA GLY A 66 -3.67 37.83 -29.50
C GLY A 66 -3.12 37.45 -28.15
N GLY A 67 -2.39 36.34 -28.13
CA GLY A 67 -1.81 35.82 -26.90
C GLY A 67 -2.97 35.26 -26.05
N ILE A 68 -2.77 35.29 -24.75
CA ILE A 68 -3.78 34.82 -23.78
C ILE A 68 -4.33 36.03 -23.08
N ARG A 69 -5.59 36.31 -23.33
CA ARG A 69 -6.26 37.44 -22.83
C ARG A 69 -7.15 37.03 -21.62
N LEU A 70 -7.00 37.72 -20.50
CA LEU A 70 -7.86 37.58 -19.35
C LEU A 70 -8.69 38.87 -19.21
N ARG A 71 -9.99 38.77 -19.36
CA ARG A 71 -10.86 39.92 -19.45
C ARG A 71 -11.94 39.81 -18.41
N LEU A 72 -12.09 40.86 -17.64
CA LEU A 72 -13.29 41.03 -16.84
C LEU A 72 -14.30 41.79 -17.60
N ALA A 73 -15.49 41.23 -17.74
CA ALA A 73 -16.58 41.87 -18.47
C ALA A 73 -17.95 41.40 -18.00
N GLU A 74 -18.96 42.19 -18.33
CA GLU A 74 -20.31 41.80 -18.04
CA GLU A 74 -20.35 41.83 -18.10
C GLU A 74 -20.67 40.62 -18.95
N GLY A 75 -21.45 39.70 -18.39
CA GLY A 75 -21.92 38.54 -19.14
C GLY A 75 -22.46 37.53 -18.15
N PRO A 76 -22.90 36.39 -18.64
CA PRO A 76 -23.70 35.46 -17.83
C PRO A 76 -22.74 34.50 -17.00
N TYR A 77 -21.82 35.12 -16.26
CA TYR A 77 -20.69 34.38 -15.61
C TYR A 77 -20.87 34.19 -14.13
N GLY A 78 -21.71 34.99 -13.49
CA GLY A 78 -21.83 34.92 -12.05
C GLY A 78 -20.52 35.27 -11.33
N ASP A 79 -20.44 34.88 -10.06
CA ASP A 79 -19.30 35.14 -9.24
C ASP A 79 -18.11 34.22 -9.58
N GLU A 80 -18.36 33.07 -10.17
CA GLU A 80 -17.30 32.03 -10.33
C GLU A 80 -17.10 31.50 -11.74
N GLY A 81 -18.02 31.85 -12.62
CA GLY A 81 -18.03 31.31 -13.95
C GLY A 81 -17.15 32.10 -14.93
N TYR A 82 -17.02 31.53 -16.11
CA TYR A 82 -16.11 32.07 -17.15
C TYR A 82 -16.52 31.54 -18.49
N ARG A 83 -15.95 32.16 -19.51
CA ARG A 83 -15.99 31.61 -20.85
C ARG A 83 -14.56 31.54 -21.36
N LEU A 84 -14.22 30.52 -22.09
CA LEU A 84 -12.91 30.33 -22.58
C LEU A 84 -13.06 30.13 -24.09
N ASP A 85 -12.48 31.03 -24.87
CA ASP A 85 -12.45 30.89 -26.35
C ASP A 85 -11.03 30.65 -26.83
N SER A 86 -10.82 29.68 -27.68
CA SER A 86 -9.55 29.32 -28.19
C SER A 86 -9.57 29.19 -29.71
N GLY A 87 -8.56 29.76 -30.36
CA GLY A 87 -8.42 29.69 -31.82
C GLY A 87 -7.00 30.07 -32.24
N ARG A 88 -6.76 30.10 -33.54
CA ARG A 88 -5.39 30.40 -34.00
CA ARG A 88 -5.44 30.47 -34.09
C ARG A 88 -4.92 31.77 -33.49
N GLU A 89 -5.77 32.75 -33.34
CA GLU A 89 -5.27 34.05 -32.90
C GLU A 89 -4.97 34.15 -31.41
N GLY A 90 -5.55 33.30 -30.56
CA GLY A 90 -5.21 33.40 -29.12
C GLY A 90 -6.24 32.67 -28.28
N VAL A 91 -6.13 32.84 -26.98
CA VAL A 91 -7.06 32.24 -26.02
C VAL A 91 -7.57 33.35 -25.18
N THR A 92 -8.88 33.48 -25.03
CA THR A 92 -9.44 34.51 -24.21
C THR A 92 -10.27 33.87 -23.09
N ILE A 93 -10.01 34.26 -21.87
CA ILE A 93 -10.83 33.86 -20.74
C ILE A 93 -11.55 35.09 -20.26
N THR A 94 -12.89 35.10 -20.25
CA THR A 94 -13.69 36.22 -19.82
C THR A 94 -14.50 35.82 -18.61
N ALA A 95 -14.58 36.70 -17.65
CA ALA A 95 -15.39 36.44 -16.47
C ALA A 95 -15.90 37.72 -15.89
N ARG A 96 -16.79 37.67 -14.92
CA ARG A 96 -17.19 38.87 -14.19
CA ARG A 96 -17.21 38.86 -14.20
C ARG A 96 -16.25 39.17 -13.05
N LYS A 97 -15.73 38.14 -12.38
CA LYS A 97 -14.86 38.31 -11.26
C LYS A 97 -13.55 37.58 -11.37
N ALA A 98 -12.58 37.98 -10.55
CA ALA A 98 -11.27 37.28 -10.58
C ALA A 98 -11.37 35.78 -10.37
N ALA A 99 -12.33 35.32 -9.56
CA ALA A 99 -12.47 33.88 -9.31
C ALA A 99 -12.81 33.12 -10.55
N GLY A 100 -13.64 33.72 -11.41
CA GLY A 100 -13.96 33.18 -12.67
C GLY A 100 -12.74 33.05 -13.58
N LEU A 101 -11.93 34.11 -13.62
CA LEU A 101 -10.67 34.04 -14.40
C LEU A 101 -9.78 32.92 -13.86
N PHE A 102 -9.66 32.83 -12.54
CA PHE A 102 -8.80 31.81 -11.90
C PHE A 102 -9.34 30.40 -12.30
N HIS A 103 -10.65 30.20 -12.24
CA HIS A 103 -11.21 28.90 -12.62
C HIS A 103 -10.92 28.58 -14.08
N GLY A 104 -11.05 29.60 -14.96
CA GLY A 104 -10.72 29.42 -16.36
C GLY A 104 -9.27 29.01 -16.56
N VAL A 105 -8.35 29.55 -15.74
CA VAL A 105 -6.96 29.16 -15.77
C VAL A 105 -6.77 27.72 -15.42
N GLN A 106 -7.54 27.25 -14.42
CA GLN A 106 -7.46 25.84 -14.10
C GLN A 106 -7.93 24.92 -15.21
N THR A 107 -8.91 25.37 -15.99
CA THR A 107 -9.26 24.62 -17.20
C THR A 107 -8.14 24.64 -18.23
N LEU A 108 -7.58 25.82 -18.45
CA LEU A 108 -6.54 25.95 -19.43
C LEU A 108 -5.36 25.05 -19.15
N ARG A 109 -4.96 24.89 -17.91
CA ARG A 109 -3.85 24.00 -17.64
C ARG A 109 -4.12 22.55 -17.92
N GLN A 110 -5.35 22.09 -17.79
CA GLN A 110 -5.70 20.76 -18.19
C GLN A 110 -5.77 20.54 -19.68
N LEU A 111 -5.93 21.64 -20.41
CA LEU A 111 -6.00 21.56 -21.87
C LEU A 111 -4.63 21.48 -22.45
N LEU A 112 -3.67 22.00 -21.75
CA LEU A 112 -2.26 21.95 -22.16
C LEU A 112 -1.63 20.56 -21.89
N PRO A 113 -0.51 20.29 -22.58
CA PRO A 113 0.13 18.99 -22.34
C PRO A 113 0.62 18.89 -20.94
N ALA A 114 0.63 17.67 -20.44
CA ALA A 114 1.14 17.37 -19.08
C ALA A 114 2.47 17.99 -18.75
N ALA A 115 3.33 18.10 -19.75
CA ALA A 115 4.65 18.69 -19.55
C ALA A 115 4.62 20.11 -19.08
N VAL A 116 3.51 20.80 -19.27
CA VAL A 116 3.40 22.17 -18.79
C VAL A 116 3.59 22.29 -17.31
N GLU A 117 3.34 21.22 -16.55
CA GLU A 117 3.48 21.27 -15.10
C GLU A 117 4.92 21.07 -14.62
N LYS A 118 5.85 20.81 -15.52
CA LYS A 118 7.27 20.63 -15.09
C LYS A 118 7.92 21.91 -14.68
N ASP A 119 8.99 21.82 -13.86
CA ASP A 119 9.67 22.99 -13.36
C ASP A 119 10.92 23.49 -14.15
N SER A 120 11.15 22.92 -15.32
CA SER A 120 12.22 23.36 -16.18
C SER A 120 11.74 23.19 -17.62
N ALA A 121 12.48 23.80 -18.52
CA ALA A 121 12.01 23.93 -19.90
C ALA A 121 11.87 22.62 -20.61
N GLN A 122 10.74 22.44 -21.31
CA GLN A 122 10.40 21.25 -21.99
C GLN A 122 10.14 21.57 -23.44
N PRO A 123 10.26 20.59 -24.32
CA PRO A 123 9.85 20.84 -25.70
C PRO A 123 8.34 21.03 -25.86
N GLY A 124 8.02 21.80 -26.86
CA GLY A 124 6.63 22.00 -27.22
C GLY A 124 6.20 20.83 -28.07
N PRO A 125 5.15 20.98 -28.83
CA PRO A 125 4.37 22.22 -28.96
C PRO A 125 3.40 22.37 -27.78
N TRP A 126 2.72 23.50 -27.77
CA TRP A 126 1.90 23.88 -26.61
C TRP A 126 0.48 24.27 -27.16
N LEU A 127 -0.29 23.28 -27.54
CA LEU A 127 -1.56 23.52 -28.20
C LEU A 127 -2.74 23.59 -27.24
N VAL A 128 -3.66 24.49 -27.52
CA VAL A 128 -4.93 24.55 -26.86
C VAL A 128 -5.99 24.34 -27.90
N ALA A 129 -6.76 23.26 -27.75
CA ALA A 129 -7.81 22.91 -28.66
C ALA A 129 -8.67 24.06 -28.99
N GLY A 130 -9.10 24.17 -30.26
CA GLY A 130 -10.02 25.25 -30.61
C GLY A 130 -11.46 25.04 -30.17
N GLY A 131 -12.14 26.16 -29.94
CA GLY A 131 -13.56 26.23 -29.65
C GLY A 131 -13.88 27.12 -28.47
N THR A 132 -14.99 26.83 -27.83
CA THR A 132 -15.49 27.66 -26.80
C THR A 132 -16.00 26.79 -25.64
N ILE A 133 -15.63 27.18 -24.41
CA ILE A 133 -16.16 26.58 -23.16
C ILE A 133 -16.91 27.69 -22.50
N GLU A 134 -18.12 27.43 -22.09
CA GLU A 134 -18.86 28.32 -21.25
C GLU A 134 -19.19 27.56 -19.95
N ASP A 135 -18.83 28.12 -18.80
CA ASP A 135 -18.76 27.27 -17.57
C ASP A 135 -19.11 28.00 -16.32
N THR A 136 -20.09 27.51 -15.54
CA THR A 136 -20.48 28.13 -14.29
C THR A 136 -20.84 26.90 -13.38
N PRO A 137 -20.72 27.05 -12.06
CA PRO A 137 -20.87 25.91 -11.16
C PRO A 137 -22.33 25.54 -10.89
N ARG A 138 -22.56 24.27 -10.64
CA ARG A 138 -23.88 23.77 -10.26
C ARG A 138 -24.17 24.21 -8.83
N TYR A 139 -23.20 23.99 -7.90
CA TYR A 139 -23.39 24.31 -6.50
C TYR A 139 -22.42 25.32 -6.02
N ALA A 140 -22.84 26.16 -5.04
CA ALA A 140 -21.96 27.13 -4.47
C ALA A 140 -21.04 26.62 -3.34
N TRP A 141 -21.42 25.49 -2.75
CA TRP A 141 -20.62 24.90 -1.67
C TRP A 141 -19.81 23.74 -2.27
N ARG A 142 -18.50 23.93 -2.50
CA ARG A 142 -17.68 22.87 -3.04
C ARG A 142 -16.41 22.82 -2.23
N SER A 143 -16.34 21.93 -1.22
CA SER A 143 -15.37 22.08 -0.16
CA SER A 143 -15.42 22.06 -0.13
C SER A 143 -14.52 20.83 -0.01
N ALA A 144 -13.32 21.05 0.45
CA ALA A 144 -12.38 19.98 0.82
C ALA A 144 -12.05 20.25 2.29
N MET A 145 -12.05 19.23 3.12
CA MET A 145 -11.60 19.33 4.50
C MET A 145 -10.24 18.69 4.64
N LEU A 146 -9.44 19.28 5.54
CA LEU A 146 -8.20 18.65 6.00
C LEU A 146 -8.21 18.63 7.53
N ASP A 147 -7.99 17.43 8.08
CA ASP A 147 -7.85 17.18 9.57
C ASP A 147 -6.40 17.43 9.91
N VAL A 148 -6.11 18.54 10.60
CA VAL A 148 -4.79 18.84 11.10
C VAL A 148 -4.66 18.58 12.59
N SER A 149 -5.72 18.02 13.15
CA SER A 149 -5.73 17.53 14.54
C SER A 149 -5.12 16.16 14.80
N ARG A 150 -5.52 15.14 14.04
CA ARG A 150 -5.00 13.80 14.23
C ARG A 150 -3.52 13.72 13.94
N HIS A 151 -3.08 14.17 12.78
CA HIS A 151 -1.71 14.52 12.59
C HIS A 151 -1.62 15.94 12.13
N PHE A 152 -0.57 16.62 12.59
CA PHE A 152 -0.41 18.04 12.33
C PHE A 152 0.28 18.24 11.02
N PHE A 153 -0.22 19.20 10.22
CA PHE A 153 0.40 19.61 8.95
C PHE A 153 0.80 21.04 9.03
N SER A 154 2.03 21.34 8.62
CA SER A 154 2.53 22.70 8.69
C SER A 154 1.79 23.68 7.79
N VAL A 155 2.05 24.97 7.99
CA VAL A 155 1.53 25.98 7.08
C VAL A 155 1.89 25.61 5.63
N ASP A 156 3.16 25.24 5.38
CA ASP A 156 3.58 24.93 3.99
C ASP A 156 2.88 23.72 3.45
N GLU A 157 2.62 22.77 4.33
CA GLU A 157 1.92 21.54 3.91
C GLU A 157 0.45 21.81 3.60
N VAL A 158 -0.14 22.72 4.38
CA VAL A 158 -1.49 23.15 4.09
C VAL A 158 -1.55 23.94 2.77
N LYS A 159 -0.60 24.82 2.51
CA LYS A 159 -0.45 25.45 1.23
C LYS A 159 -0.37 24.47 0.06
N ARG A 160 0.41 23.42 0.21
CA ARG A 160 0.52 22.39 -0.81
C ARG A 160 -0.87 21.76 -1.05
N TYR A 161 -1.60 21.45 0.02
CA TYR A 161 -2.94 20.86 -0.14
C TYR A 161 -3.94 21.83 -0.84
N ILE A 162 -3.83 23.09 -0.49
CA ILE A 162 -4.60 24.12 -1.11
C ILE A 162 -4.33 24.07 -2.61
N ASP A 163 -3.06 23.93 -2.99
CA ASP A 163 -2.75 23.91 -4.43
C ASP A 163 -3.32 22.67 -5.10
N ARG A 164 -3.40 21.54 -4.42
CA ARG A 164 -4.10 20.41 -4.98
C ARG A 164 -5.59 20.63 -5.18
N VAL A 165 -6.29 21.19 -4.20
CA VAL A 165 -7.70 21.31 -4.39
C VAL A 165 -8.06 22.44 -5.35
N ALA A 166 -7.22 23.44 -5.46
CA ALA A 166 -7.48 24.56 -6.39
C ALA A 166 -7.48 24.10 -7.85
N LEU A 167 -6.77 23.02 -8.17
CA LEU A 167 -6.82 22.45 -9.48
C LEU A 167 -8.24 22.13 -10.00
N TYR A 168 -9.17 21.83 -9.11
CA TYR A 168 -10.45 21.24 -9.43
C TYR A 168 -11.62 22.16 -9.05
N LYS A 169 -11.31 23.44 -8.80
CA LYS A 169 -12.31 24.51 -8.60
C LYS A 169 -13.13 24.39 -7.33
N TYR A 170 -12.60 23.69 -6.32
CA TYR A 170 -13.12 23.80 -4.97
C TYR A 170 -13.10 25.28 -4.57
N ASN A 171 -14.05 25.69 -3.74
CA ASN A 171 -14.10 27.10 -3.27
C ASN A 171 -14.12 27.26 -1.78
N LYS A 172 -14.15 26.15 -1.04
CA LYS A 172 -14.05 26.23 0.43
C LYS A 172 -13.04 25.26 0.92
N LEU A 173 -12.27 25.67 1.94
CA LEU A 173 -11.34 24.81 2.64
C LEU A 173 -11.80 24.76 4.09
N HIS A 174 -12.31 23.59 4.47
CA HIS A 174 -12.70 23.29 5.87
C HIS A 174 -11.51 22.71 6.61
N LEU A 175 -11.12 23.41 7.68
CA LEU A 175 -9.96 23.05 8.45
C LEU A 175 -10.44 22.54 9.79
N HIS A 176 -10.18 21.25 10.04
CA HIS A 176 -10.61 20.56 11.27
C HIS A 176 -9.46 20.77 12.27
N ILE A 177 -9.54 21.87 13.02
CA ILE A 177 -8.34 22.36 13.74
C ILE A 177 -8.34 21.99 15.24
N SER A 178 -9.35 21.25 15.68
CA SER A 178 -9.28 20.61 16.99
C SER A 178 -9.95 19.28 17.05
N ASP A 179 -9.40 18.40 17.89
CA ASP A 179 -10.00 17.08 18.08
C ASP A 179 -9.41 16.49 19.39
N ASP A 180 -9.55 15.18 19.57
CA ASP A 180 -9.06 14.55 20.76
C ASP A 180 -7.56 14.53 20.84
N GLN A 181 -6.86 14.59 19.71
CA GLN A 181 -5.44 14.34 19.70
C GLN A 181 -4.65 15.62 19.52
N GLY A 182 -5.34 16.73 19.36
CA GLY A 182 -4.68 18.00 19.14
C GLY A 182 -5.61 19.21 19.03
N TRP A 183 -5.08 20.34 19.42
CA TRP A 183 -5.69 21.65 19.31
C TRP A 183 -4.70 22.53 18.58
N ARG A 184 -5.07 23.10 17.43
CA ARG A 184 -4.03 23.56 16.49
C ARG A 184 -4.01 25.08 16.27
N LEU A 185 -4.78 25.82 17.07
CA LEU A 185 -4.80 27.26 16.90
C LEU A 185 -4.58 27.98 18.25
N ALA A 186 -3.61 28.93 18.27
CA ALA A 186 -3.38 29.77 19.49
C ALA A 186 -4.60 30.58 19.83
N ILE A 187 -5.10 30.40 21.05
CA ILE A 187 -6.17 31.24 21.61
C ILE A 187 -5.57 31.98 22.83
N ASP A 188 -5.47 33.28 22.69
CA ASP A 188 -4.74 34.14 23.64
C ASP A 188 -5.39 34.04 24.99
N SER A 189 -6.70 34.07 25.03
CA SER A 189 -7.41 33.90 26.33
C SER A 189 -7.25 32.54 27.01
N TRP A 190 -6.89 31.48 26.27
CA TRP A 190 -6.69 30.17 26.83
C TRP A 190 -5.43 29.55 26.26
N PRO A 191 -4.28 30.10 26.64
CA PRO A 191 -3.03 29.80 25.98
C PRO A 191 -2.53 28.37 26.04
N ARG A 192 -2.94 27.58 27.05
CA ARG A 192 -2.53 26.21 27.13
C ARG A 192 -3.12 25.30 26.01
N LEU A 193 -4.17 25.76 25.37
CA LEU A 193 -4.86 24.89 24.36
C LEU A 193 -3.87 24.46 23.27
N ALA A 194 -3.20 25.44 22.72
CA ALA A 194 -2.28 25.23 21.61
C ALA A 194 -0.99 24.70 22.19
N THR A 195 -0.52 25.24 23.32
CA THR A 195 0.83 24.84 23.79
C THR A 195 0.89 23.49 24.41
N TYR A 196 -0.11 23.11 25.19
CA TYR A 196 -0.20 21.79 25.79
C TYR A 196 -1.02 20.84 24.91
N GLY A 197 -2.25 21.29 24.61
CA GLY A 197 -3.22 20.49 23.81
C GLY A 197 -2.73 20.30 22.35
N GLY A 198 -1.81 21.12 21.90
CA GLY A 198 -1.21 20.91 20.60
C GLY A 198 0.14 20.21 20.64
N SER A 199 0.57 19.70 21.82
CA SER A 199 1.98 19.23 22.02
C SER A 199 2.21 17.89 21.34
N THR A 200 1.15 17.11 21.11
CA THR A 200 1.35 15.84 20.47
C THR A 200 0.33 15.56 19.33
N GLU A 201 0.14 14.29 19.02
CA GLU A 201 -0.75 13.84 17.90
C GLU A 201 -0.92 12.37 17.95
N VAL A 202 -1.73 11.81 17.06
CA VAL A 202 -1.81 10.37 16.95
C VAL A 202 -0.43 9.78 16.90
N GLY A 203 -0.28 8.74 17.72
CA GLY A 203 0.97 8.02 17.80
C GLY A 203 2.00 8.59 18.75
N GLY A 204 1.73 9.73 19.37
CA GLY A 204 2.56 10.22 20.46
C GLY A 204 3.72 11.04 19.97
N GLY A 205 3.78 11.30 18.69
CA GLY A 205 4.92 12.11 18.20
C GLY A 205 4.71 13.55 18.61
N PRO A 206 5.67 14.43 18.27
CA PRO A 206 5.51 15.87 18.35
C PRO A 206 4.29 16.29 17.52
N GLY A 207 3.51 17.22 18.08
CA GLY A 207 2.38 17.84 17.41
C GLY A 207 2.74 19.14 16.74
N GLY A 208 2.17 20.24 17.20
CA GLY A 208 2.34 21.54 16.61
C GLY A 208 1.06 22.34 16.70
N HIS A 209 1.16 23.63 16.38
CA HIS A 209 -0.02 24.47 16.26
C HIS A 209 0.33 25.71 15.42
N TYR A 210 -0.70 26.38 14.94
CA TYR A 210 -0.60 27.62 14.20
C TYR A 210 -0.63 28.76 15.22
N THR A 211 0.34 29.65 15.17
CA THR A 211 0.15 30.95 15.76
C THR A 211 -0.94 31.67 15.03
N LYS A 212 -1.39 32.78 15.58
CA LYS A 212 -2.40 33.58 14.86
C LYS A 212 -1.82 34.05 13.53
N ALA A 213 -0.54 34.42 13.47
CA ALA A 213 0.04 34.78 12.20
C ALA A 213 0.10 33.63 11.20
N ASP A 214 0.43 32.43 11.67
CA ASP A 214 0.46 31.24 10.82
C ASP A 214 -0.94 31.04 10.22
N TYR A 215 -1.96 31.11 11.07
CA TYR A 215 -3.36 30.95 10.58
C TYR A 215 -3.76 32.00 9.53
N GLU A 216 -3.44 33.26 9.79
CA GLU A 216 -3.79 34.31 8.84
C GLU A 216 -3.07 34.09 7.48
N GLU A 217 -1.90 33.51 7.53
CA GLU A 217 -1.13 33.23 6.32
C GLU A 217 -1.84 32.13 5.51
N ILE A 218 -2.32 31.11 6.21
CA ILE A 218 -3.13 30.06 5.59
C ILE A 218 -4.35 30.73 4.97
N VAL A 219 -5.05 31.58 5.69
CA VAL A 219 -6.22 32.21 5.17
C VAL A 219 -5.92 33.06 3.93
N ARG A 220 -4.82 33.81 3.98
CA ARG A 220 -4.46 34.67 2.85
C ARG A 220 -4.09 33.84 1.61
N TYR A 221 -3.27 32.80 1.82
CA TYR A 221 -2.90 31.95 0.70
C TYR A 221 -4.14 31.27 0.09
N ALA A 222 -5.01 30.75 0.91
CA ALA A 222 -6.24 30.19 0.48
C ALA A 222 -7.05 31.16 -0.35
N ALA A 223 -7.18 32.39 0.14
CA ALA A 223 -7.95 33.41 -0.60
C ALA A 223 -7.31 33.71 -1.98
N SER A 224 -5.99 33.65 -2.08
CA SER A 224 -5.32 33.88 -3.35
C SER A 224 -5.60 32.74 -4.32
N ARG A 225 -6.06 31.60 -3.78
CA ARG A 225 -6.49 30.50 -4.61
C ARG A 225 -8.02 30.35 -4.58
N HIS A 226 -8.72 31.41 -4.24
CA HIS A 226 -10.16 31.45 -4.26
C HIS A 226 -10.85 30.35 -3.42
N LEU A 227 -10.26 30.13 -2.24
CA LEU A 227 -10.83 29.24 -1.26
C LEU A 227 -11.16 30.04 -0.02
N GLU A 228 -12.43 29.98 0.35
CA GLU A 228 -12.89 30.53 1.62
C GLU A 228 -12.60 29.51 2.73
N VAL A 229 -11.92 29.94 3.76
CA VAL A 229 -11.56 29.03 4.85
C VAL A 229 -12.72 28.96 5.85
N VAL A 230 -13.13 27.71 6.15
CA VAL A 230 -14.18 27.38 7.07
C VAL A 230 -13.54 26.62 8.24
N PRO A 231 -13.30 27.27 9.38
CA PRO A 231 -12.61 26.62 10.46
C PRO A 231 -13.64 25.86 11.30
N GLU A 232 -13.22 24.74 11.87
CA GLU A 232 -14.07 23.95 12.77
C GLU A 232 -13.43 23.81 14.11
N ILE A 233 -14.22 24.10 15.13
CA ILE A 233 -13.86 23.73 16.48
C ILE A 233 -14.94 22.70 16.91
N ASP A 234 -14.54 21.43 17.00
CA ASP A 234 -15.58 20.38 17.09
C ASP A 234 -15.99 20.38 18.60
N MET A 235 -17.25 20.24 18.81
CA MET A 235 -17.81 20.30 20.17
C MET A 235 -19.24 19.78 20.08
N PRO A 236 -19.77 19.25 21.21
CA PRO A 236 -19.15 19.07 22.50
C PRO A 236 -18.20 17.90 22.60
N GLY A 237 -18.32 16.93 21.66
CA GLY A 237 -17.42 15.83 21.64
C GLY A 237 -16.12 16.14 20.89
N HIS A 238 -15.26 15.14 20.80
CA HIS A 238 -13.92 15.34 20.19
C HIS A 238 -13.13 16.55 20.76
N THR A 239 -13.16 16.65 22.09
CA THR A 239 -12.55 17.76 22.80
C THR A 239 -11.46 17.39 23.75
N ASN A 240 -10.98 16.17 23.68
CA ASN A 240 -9.99 15.81 24.64
C ASN A 240 -8.81 16.76 24.72
N ALA A 241 -8.31 17.34 23.61
CA ALA A 241 -7.14 18.16 23.74
C ALA A 241 -7.41 19.43 24.61
N ALA A 242 -8.61 19.99 24.48
CA ALA A 242 -8.99 21.12 25.29
C ALA A 242 -9.16 20.69 26.78
N LEU A 243 -9.81 19.55 26.97
CA LEU A 243 -10.09 19.01 28.29
C LEU A 243 -8.82 18.66 29.00
N ALA A 244 -7.82 18.12 28.28
CA ALA A 244 -6.53 17.81 28.84
C ALA A 244 -5.76 19.05 29.20
N SER A 245 -6.10 20.20 28.61
CA SER A 245 -5.33 21.43 28.84
C SER A 245 -5.87 22.26 30.06
N TYR A 246 -7.15 22.14 30.36
CA TYR A 246 -7.85 23.01 31.32
C TYR A 246 -8.72 22.11 32.20
N ALA A 247 -8.19 21.81 33.40
CA ALA A 247 -8.89 20.88 34.31
C ALA A 247 -10.35 21.33 34.53
N GLU A 248 -10.53 22.63 34.58
CA GLU A 248 -11.86 23.16 34.92
C GLU A 248 -12.93 22.90 33.87
N LEU A 249 -12.53 22.53 32.65
CA LEU A 249 -13.51 22.20 31.64
C LEU A 249 -14.13 20.82 31.86
N ASN A 250 -13.52 19.98 32.67
CA ASN A 250 -14.01 18.60 32.86
C ASN A 250 -15.10 18.53 33.93
N CYS A 251 -16.17 17.78 33.68
CA CYS A 251 -17.25 17.67 34.68
C CYS A 251 -16.63 17.24 36.03
N ASP A 252 -15.54 16.47 36.04
CA ASP A 252 -14.97 15.98 37.32
C ASP A 252 -13.81 16.82 37.82
N GLY A 253 -13.47 17.92 37.12
CA GLY A 253 -12.43 18.83 37.59
C GLY A 253 -11.02 18.31 37.42
N VAL A 254 -10.86 17.17 36.73
CA VAL A 254 -9.57 16.57 36.52
C VAL A 254 -9.27 16.50 35.00
N ALA A 255 -8.12 17.04 34.65
CA ALA A 255 -7.64 17.02 33.28
C ALA A 255 -7.22 15.58 32.90
N PRO A 256 -7.86 14.98 31.84
CA PRO A 256 -7.42 13.67 31.36
C PRO A 256 -6.06 13.78 30.76
N PRO A 257 -5.40 12.65 30.57
CA PRO A 257 -4.14 12.74 29.91
C PRO A 257 -4.44 13.13 28.43
N LEU A 258 -3.50 13.82 27.82
CA LEU A 258 -3.45 13.92 26.35
C LEU A 258 -3.70 12.58 25.69
N TYR A 259 -4.51 12.56 24.62
CA TYR A 259 -4.85 11.31 23.90
C TYR A 259 -4.07 11.18 22.60
N THR A 260 -3.48 10.00 22.37
CA THR A 260 -2.67 9.76 21.15
C THR A 260 -3.11 8.53 20.39
N GLY A 261 -4.24 7.96 20.77
CA GLY A 261 -4.85 6.87 20.05
C GLY A 261 -5.78 7.35 18.96
N THR A 262 -6.67 6.45 18.55
CA THR A 262 -7.56 6.69 17.45
C THR A 262 -8.96 6.32 17.76
N LYS A 263 -9.34 6.06 19.01
CA LYS A 263 -10.78 5.86 19.32
C LYS A 263 -11.55 7.19 19.29
N VAL A 264 -12.87 7.10 19.08
CA VAL A 264 -13.73 8.27 19.00
C VAL A 264 -14.88 8.03 19.93
N GLY A 265 -15.49 9.12 20.39
CA GLY A 265 -16.73 9.08 21.16
C GLY A 265 -16.62 9.03 22.68
N PHE A 266 -15.43 9.28 23.24
CA PHE A 266 -15.25 9.15 24.70
C PHE A 266 -15.24 10.49 25.40
N SER A 267 -14.98 11.56 24.65
CA SER A 267 -14.74 12.87 25.26
C SER A 267 -15.94 13.76 25.15
N THR A 268 -16.11 14.62 26.17
CA THR A 268 -17.12 15.65 26.14
C THR A 268 -16.78 16.86 27.04
N LEU A 269 -17.09 18.05 26.54
CA LEU A 269 -17.18 19.25 27.36
C LEU A 269 -18.29 19.02 28.36
N CYS A 270 -18.21 19.73 29.49
CA CYS A 270 -19.23 19.61 30.57
C CYS A 270 -20.40 20.52 30.29
N VAL A 271 -21.47 19.95 29.78
CA VAL A 271 -22.53 20.73 29.26
C VAL A 271 -23.21 21.55 30.37
N ASP A 272 -23.21 21.05 31.63
CA ASP A 272 -23.86 21.75 32.74
C ASP A 272 -22.95 22.72 33.54
N LYS A 273 -21.69 23.00 33.13
CA LYS A 273 -20.86 23.97 33.85
C LYS A 273 -20.83 25.26 33.04
N ASP A 274 -21.03 26.40 33.68
CA ASP A 274 -21.08 27.65 32.94
C ASP A 274 -19.73 28.03 32.34
N VAL A 275 -18.62 27.60 32.94
CA VAL A 275 -17.28 27.93 32.39
C VAL A 275 -17.12 27.40 30.94
N THR A 276 -17.76 26.28 30.64
CA THR A 276 -17.85 25.75 29.25
C THR A 276 -18.26 26.79 28.18
N TYR A 277 -19.26 27.60 28.48
CA TYR A 277 -19.75 28.61 27.57
C TYR A 277 -18.91 29.85 27.53
N ASP A 278 -18.15 30.09 28.57
CA ASP A 278 -17.22 31.19 28.60
C ASP A 278 -16.08 30.77 27.66
N PHE A 279 -15.66 29.53 27.77
CA PHE A 279 -14.60 28.96 26.94
C PHE A 279 -15.04 29.00 25.48
N VAL A 280 -16.24 28.56 25.20
CA VAL A 280 -16.70 28.52 23.80
C VAL A 280 -16.80 29.92 23.29
N ASP A 281 -17.38 30.83 24.07
CA ASP A 281 -17.49 32.24 23.61
C ASP A 281 -16.11 32.87 23.27
N ASP A 282 -15.15 32.61 24.12
CA ASP A 282 -13.79 33.12 23.92
C ASP A 282 -13.15 32.54 22.64
N VAL A 283 -13.30 31.24 22.45
CA VAL A 283 -12.57 30.58 21.39
C VAL A 283 -13.22 31.05 20.11
N LEU A 284 -14.55 31.07 20.03
CA LEU A 284 -15.17 31.42 18.78
C LEU A 284 -15.02 32.90 18.47
N GLY A 285 -14.95 33.71 19.52
CA GLY A 285 -14.63 35.11 19.32
C GLY A 285 -13.27 35.35 18.69
N GLU A 286 -12.24 34.72 19.21
CA GLU A 286 -10.91 34.95 18.66
C GLU A 286 -10.87 34.33 17.27
N LEU A 287 -11.59 33.21 17.07
CA LEU A 287 -11.59 32.56 15.75
C LEU A 287 -12.32 33.42 14.72
N ALA A 288 -13.42 34.05 15.09
CA ALA A 288 -14.19 34.85 14.17
C ALA A 288 -13.37 36.09 13.68
N ALA A 289 -12.55 36.61 14.57
CA ALA A 289 -11.72 37.78 14.27
C ALA A 289 -10.63 37.41 13.29
N LEU A 290 -10.27 36.13 13.24
CA LEU A 290 -9.29 35.62 12.24
C LEU A 290 -9.90 35.07 10.96
N THR A 291 -11.19 35.07 10.88
CA THR A 291 -11.97 34.43 9.83
C THR A 291 -12.78 35.40 9.00
N PRO A 292 -12.24 35.76 7.81
CA PRO A 292 -12.98 36.70 6.98
C PRO A 292 -14.13 36.05 6.27
N GLY A 293 -14.09 34.74 6.17
CA GLY A 293 -15.16 34.03 5.55
C GLY A 293 -16.45 34.12 6.37
N ARG A 294 -17.51 33.62 5.81
CA ARG A 294 -18.85 33.78 6.34
C ARG A 294 -19.26 32.76 7.43
N TYR A 295 -18.47 31.69 7.53
CA TYR A 295 -18.85 30.48 8.32
C TYR A 295 -17.97 30.15 9.50
N LEU A 296 -18.60 29.70 10.60
CA LEU A 296 -17.88 28.94 11.62
C LEU A 296 -18.52 27.53 11.76
N HIS A 297 -17.67 26.49 11.74
CA HIS A 297 -18.16 25.13 11.82
C HIS A 297 -17.96 24.77 13.32
N ILE A 298 -19.07 24.57 14.02
CA ILE A 298 -19.05 24.19 15.46
C ILE A 298 -19.20 22.68 15.71
N GLY A 299 -18.98 21.92 14.66
CA GLY A 299 -18.80 20.46 14.80
C GLY A 299 -20.14 19.80 15.11
N GLY A 300 -20.30 19.22 16.30
CA GLY A 300 -21.56 18.51 16.62
C GLY A 300 -21.38 17.02 16.85
N ASP A 301 -20.14 16.53 16.85
CA ASP A 301 -19.87 15.20 17.40
C ASP A 301 -20.10 15.21 18.90
N GLU A 302 -20.45 14.02 19.40
CA GLU A 302 -20.80 13.79 20.77
C GLU A 302 -19.96 12.66 21.25
N ALA A 303 -20.20 12.38 22.53
CA ALA A 303 -19.77 11.15 23.21
C ALA A 303 -20.89 10.11 23.12
N HIS A 304 -20.51 8.83 23.20
CA HIS A 304 -21.48 7.75 23.39
C HIS A 304 -22.33 8.04 24.60
N SER A 305 -21.74 8.56 25.67
CA SER A 305 -22.48 8.90 26.91
C SER A 305 -23.58 9.94 26.69
N THR A 306 -23.39 10.86 25.75
CA THR A 306 -24.09 12.13 25.77
C THR A 306 -25.58 11.96 25.63
N PRO A 307 -26.33 12.43 26.64
CA PRO A 307 -27.77 12.39 26.51
C PRO A 307 -28.20 13.34 25.41
N GLN A 308 -29.21 13.00 24.64
CA GLN A 308 -29.68 13.90 23.64
C GLN A 308 -30.05 15.26 24.23
N ALA A 309 -30.64 15.26 25.42
CA ALA A 309 -31.07 16.51 26.10
C ALA A 309 -29.90 17.46 26.33
N ASP A 310 -28.78 16.90 26.73
CA ASP A 310 -27.60 17.67 26.93
C ASP A 310 -27.04 18.25 25.60
N PHE A 311 -27.01 17.41 24.56
CA PHE A 311 -26.57 17.85 23.23
C PHE A 311 -27.44 18.98 22.71
N VAL A 312 -28.76 18.84 22.82
CA VAL A 312 -29.68 19.89 22.47
C VAL A 312 -29.44 21.15 23.29
N ALA A 313 -29.21 21.04 24.59
CA ALA A 313 -29.05 22.27 25.37
C ALA A 313 -27.76 22.96 25.00
N PHE A 314 -26.69 22.17 24.82
CA PHE A 314 -25.36 22.69 24.43
C PHE A 314 -25.49 23.51 23.18
N MET A 315 -26.07 22.90 22.14
CA MET A 315 -26.24 23.56 20.87
C MET A 315 -27.19 24.72 20.92
N LYS A 316 -28.20 24.68 21.81
CA LYS A 316 -29.11 25.84 21.89
C LYS A 316 -28.37 27.06 22.41
N ARG A 317 -27.43 26.82 23.29
CA ARG A 317 -26.66 27.90 23.87
C ARG A 317 -25.48 28.34 22.97
N VAL A 318 -24.90 27.41 22.25
CA VAL A 318 -23.68 27.72 21.49
C VAL A 318 -23.95 28.38 20.13
N GLN A 319 -25.00 27.96 19.44
CA GLN A 319 -25.26 28.49 18.10
C GLN A 319 -25.36 30.01 18.09
N PRO A 320 -26.04 30.63 19.06
CA PRO A 320 -26.16 32.09 19.07
C PRO A 320 -24.84 32.82 19.15
N ILE A 321 -23.85 32.14 19.73
CA ILE A 321 -22.52 32.71 19.88
C ILE A 321 -21.92 32.97 18.49
N VAL A 322 -22.25 32.11 17.54
CA VAL A 322 -21.74 32.26 16.16
C VAL A 322 -22.30 33.51 15.57
N ALA A 323 -23.60 33.71 15.71
CA ALA A 323 -24.22 34.95 15.20
C ALA A 323 -23.73 36.17 15.99
N LYS A 324 -23.49 36.04 17.30
CA LYS A 324 -22.93 37.15 18.06
C LYS A 324 -21.65 37.71 17.40
N TYR A 325 -20.81 36.84 16.83
CA TYR A 325 -19.60 37.29 16.18
C TYR A 325 -19.74 37.47 14.68
N GLY A 326 -20.95 37.53 14.19
CA GLY A 326 -21.24 37.92 12.82
C GLY A 326 -21.11 36.87 11.73
N LYS A 327 -21.26 35.59 12.10
CA LYS A 327 -20.98 34.47 11.20
C LYS A 327 -22.19 33.54 11.19
N THR A 328 -22.16 32.60 10.26
CA THR A 328 -23.20 31.66 9.99
C THR A 328 -22.73 30.28 10.47
N VAL A 329 -23.63 29.55 11.10
CA VAL A 329 -23.31 28.26 11.68
C VAL A 329 -23.23 27.16 10.63
N VAL A 330 -22.23 26.30 10.78
CA VAL A 330 -22.23 25.01 10.10
C VAL A 330 -21.98 23.96 11.14
N GLY A 331 -22.64 22.83 10.99
CA GLY A 331 -22.46 21.70 11.89
C GLY A 331 -22.63 20.36 11.23
N TRP A 332 -21.98 19.33 11.74
CA TRP A 332 -22.25 17.95 11.27
C TRP A 332 -23.73 17.63 11.51
N HIS A 333 -24.29 16.61 10.80
CA HIS A 333 -25.76 16.46 10.73
C HIS A 333 -26.45 16.03 12.04
N GLN A 334 -25.70 15.63 13.06
CA GLN A 334 -26.27 15.49 14.41
C GLN A 334 -26.98 16.79 14.79
N LEU A 335 -26.46 17.93 14.32
CA LEU A 335 -27.11 19.22 14.59
C LEU A 335 -28.58 19.29 14.12
N ALA A 336 -28.92 18.50 13.12
CA ALA A 336 -30.28 18.48 12.62
C ALA A 336 -31.29 18.05 13.72
N GLY A 337 -30.86 17.27 14.71
CA GLY A 337 -31.71 16.93 15.82
C GLY A 337 -31.64 17.89 16.98
N ALA A 338 -31.13 19.10 16.77
CA ALA A 338 -30.83 20.00 17.87
C ALA A 338 -31.21 21.40 17.55
N GLU A 339 -32.29 21.53 16.81
CA GLU A 339 -32.85 22.81 16.42
C GLU A 339 -31.85 23.79 15.77
N PRO A 340 -31.43 23.46 14.56
CA PRO A 340 -30.52 24.38 13.87
C PRO A 340 -31.14 25.76 13.75
N VAL A 341 -30.36 26.78 14.06
CA VAL A 341 -30.87 28.16 13.94
C VAL A 341 -31.09 28.54 12.48
N GLU A 342 -31.84 29.61 12.25
CA GLU A 342 -32.08 30.07 10.89
C GLU A 342 -30.74 30.36 10.13
N GLY A 343 -30.67 29.92 8.88
CA GLY A 343 -29.44 30.08 8.08
C GLY A 343 -28.31 29.08 8.41
N ALA A 344 -28.42 28.28 9.49
CA ALA A 344 -27.39 27.21 9.69
C ALA A 344 -27.38 26.19 8.58
N LEU A 345 -26.21 25.66 8.28
CA LEU A 345 -26.05 24.53 7.39
C LEU A 345 -25.67 23.29 8.15
N VAL A 346 -26.11 22.13 7.68
CA VAL A 346 -25.68 20.89 8.26
C VAL A 346 -24.98 20.05 7.23
N GLN A 347 -23.92 19.41 7.67
CA GLN A 347 -23.13 18.59 6.81
C GLN A 347 -23.43 17.12 7.09
N TYR A 348 -24.01 16.45 6.10
CA TYR A 348 -24.43 15.05 6.17
C TYR A 348 -23.33 14.12 5.84
N TRP A 349 -22.92 13.33 6.81
CA TRP A 349 -21.86 12.37 6.65
C TRP A 349 -22.31 10.88 6.73
N GLY A 350 -23.62 10.67 6.68
CA GLY A 350 -24.15 9.31 6.78
C GLY A 350 -23.78 8.41 5.62
N LEU A 351 -24.11 7.12 5.76
CA LEU A 351 -23.80 6.09 4.81
C LEU A 351 -25.09 5.37 4.42
N ASP A 352 -25.03 4.48 3.43
CA ASP A 352 -26.25 3.69 3.08
C ASP A 352 -26.84 2.99 4.31
N ARG A 353 -26.00 2.35 5.11
CA ARG A 353 -26.50 1.65 6.32
C ARG A 353 -26.89 2.56 7.50
N THR A 354 -26.76 3.88 7.37
CA THR A 354 -27.32 4.82 8.36
C THR A 354 -28.84 4.58 8.42
N SER A 355 -29.42 4.73 9.61
CA SER A 355 -30.80 4.27 9.83
C SER A 355 -31.74 5.15 9.10
N ASP A 356 -32.89 4.60 8.75
CA ASP A 356 -33.93 5.40 8.11
C ASP A 356 -34.34 6.53 8.96
N ALA A 357 -34.33 6.33 10.28
CA ALA A 357 -34.82 7.42 11.13
C ALA A 357 -33.78 8.61 11.16
N GLU A 358 -32.49 8.28 11.17
CA GLU A 358 -31.43 9.32 11.17
C GLU A 358 -31.49 10.13 9.85
N LYS A 359 -31.55 9.41 8.71
CA LYS A 359 -31.82 10.02 7.39
C LYS A 359 -33.05 10.92 7.42
N ALA A 360 -34.14 10.50 8.06
CA ALA A 360 -35.39 11.31 7.96
C ALA A 360 -35.29 12.52 8.78
N GLN A 361 -34.50 12.49 9.84
CA GLN A 361 -34.39 13.66 10.71
C GLN A 361 -33.57 14.80 9.95
N VAL A 362 -32.55 14.37 9.22
CA VAL A 362 -31.81 15.36 8.39
C VAL A 362 -32.72 15.89 7.28
N ALA A 363 -33.47 14.99 6.62
CA ALA A 363 -34.41 15.38 5.55
C ALA A 363 -35.44 16.32 6.10
N ALA A 364 -35.91 16.05 7.31
CA ALA A 364 -36.90 16.94 7.93
C ALA A 364 -36.32 18.32 8.12
N ALA A 365 -35.07 18.39 8.56
CA ALA A 365 -34.47 19.70 8.73
C ALA A 365 -34.35 20.41 7.40
N ALA A 366 -33.94 19.69 6.36
CA ALA A 366 -33.83 20.23 5.01
C ALA A 366 -35.20 20.82 4.58
N ARG A 367 -36.28 20.05 4.76
CA ARG A 367 -37.62 20.55 4.39
C ARG A 367 -37.97 21.79 5.14
N ASN A 368 -37.41 21.98 6.32
CA ASN A 368 -37.68 23.19 7.09
C ASN A 368 -36.77 24.36 6.76
N GLY A 369 -35.94 24.24 5.71
CA GLY A 369 -35.06 25.35 5.24
C GLY A 369 -33.60 25.25 5.67
N THR A 370 -33.23 24.16 6.32
CA THR A 370 -31.81 23.99 6.70
C THR A 370 -31.09 23.54 5.42
N GLY A 371 -30.05 24.27 5.03
CA GLY A 371 -29.29 23.83 3.86
C GLY A 371 -28.39 22.69 4.21
N LEU A 372 -28.13 21.83 3.22
CA LEU A 372 -27.38 20.62 3.37
C LEU A 372 -26.12 20.64 2.57
N ILE A 373 -25.03 20.26 3.21
CA ILE A 373 -23.79 19.94 2.56
C ILE A 373 -23.64 18.42 2.58
N LEU A 374 -23.50 17.77 1.43
CA LEU A 374 -23.33 16.37 1.40
C LEU A 374 -21.93 15.88 1.37
N SER A 375 -21.56 15.08 2.37
CA SER A 375 -20.33 14.41 2.39
C SER A 375 -20.44 13.00 3.01
N PRO A 376 -21.08 12.05 2.27
CA PRO A 376 -21.30 10.74 2.83
C PRO A 376 -20.03 10.00 3.11
N ALA A 377 -19.94 9.36 4.30
CA ALA A 377 -18.72 8.59 4.62
C ALA A 377 -18.43 7.42 3.76
N ASP A 378 -19.44 6.90 3.08
CA ASP A 378 -19.16 5.85 2.11
C ASP A 378 -19.11 6.33 0.67
N ARG A 379 -18.78 7.61 0.49
CA ARG A 379 -18.76 8.21 -0.90
C ARG A 379 -17.60 9.17 -0.95
N THR A 380 -17.58 10.15 -0.04
CA THR A 380 -16.54 11.22 -0.20
C THR A 380 -15.54 11.41 0.97
N TYR A 381 -15.52 10.51 1.95
CA TYR A 381 -14.43 10.46 2.88
C TYR A 381 -13.21 9.92 2.23
N LEU A 382 -12.23 10.82 2.01
CA LEU A 382 -11.01 10.41 1.35
C LEU A 382 -10.08 9.55 2.17
N ASP A 383 -10.29 9.47 3.48
CA ASP A 383 -9.52 8.55 4.33
C ASP A 383 -10.04 7.11 4.26
N MET A 384 -11.15 6.85 3.60
CA MET A 384 -11.68 5.48 3.52
C MET A 384 -10.84 4.68 2.52
N LYS A 385 -10.53 3.44 2.89
CA LYS A 385 -9.78 2.55 2.00
C LYS A 385 -10.55 2.33 0.71
N TYR A 386 -9.77 2.14 -0.35
CA TYR A 386 -10.37 1.79 -1.65
C TYR A 386 -10.83 0.31 -1.66
N THR A 387 -9.96 -0.52 -1.08
CA THR A 387 -10.21 -1.96 -0.91
C THR A 387 -9.64 -2.46 0.40
N LYS A 388 -9.82 -3.78 0.64
CA LYS A 388 -9.22 -4.38 1.82
C LYS A 388 -7.71 -4.33 1.78
N ASP A 389 -7.08 -4.09 0.63
CA ASP A 389 -5.64 -4.10 0.59
C ASP A 389 -5.01 -2.73 0.75
N THR A 390 -5.83 -1.71 0.82
CA THR A 390 -5.22 -0.37 1.04
C THR A 390 -4.43 -0.28 2.39
N PRO A 391 -3.16 0.14 2.35
CA PRO A 391 -2.38 0.04 3.57
C PRO A 391 -2.74 1.16 4.59
N LEU A 392 -3.06 2.35 4.12
CA LEU A 392 -3.54 3.36 5.10
C LEU A 392 -5.04 3.42 5.08
N GLY A 393 -5.60 4.37 5.84
CA GLY A 393 -7.02 4.66 5.85
C GLY A 393 -7.84 3.78 6.71
N LEU A 394 -9.15 3.99 6.74
CA LEU A 394 -10.04 3.22 7.59
C LEU A 394 -11.06 2.51 6.75
N SER A 395 -11.78 1.57 7.37
CA SER A 395 -12.81 0.88 6.65
C SER A 395 -14.13 0.79 7.32
N TRP A 396 -14.37 1.60 8.35
CA TRP A 396 -15.64 1.56 9.09
C TRP A 396 -16.84 1.87 8.28
N ALA A 397 -16.73 2.65 7.19
CA ALA A 397 -17.90 2.92 6.34
C ALA A 397 -17.92 2.01 5.13
N GLY A 398 -17.15 0.96 5.11
CA GLY A 398 -17.05 0.12 3.90
C GLY A 398 -15.84 0.54 3.09
N TYR A 399 -15.58 -0.18 2.02
CA TYR A 399 -14.56 0.20 1.05
C TYR A 399 -15.15 1.16 0.03
N VAL A 400 -14.33 2.12 -0.47
CA VAL A 400 -14.88 3.16 -1.35
C VAL A 400 -13.97 3.30 -2.52
N GLU A 401 -14.25 2.52 -3.62
CA GLU A 401 -13.46 2.61 -4.82
C GLU A 401 -13.83 3.93 -5.56
N VAL A 402 -13.09 4.17 -6.62
CA VAL A 402 -13.21 5.42 -7.41
C VAL A 402 -14.65 5.54 -7.95
N ARG A 403 -15.21 4.48 -8.50
CA ARG A 403 -16.56 4.66 -9.06
C ARG A 403 -17.60 5.00 -8.06
N ARG A 404 -17.56 4.36 -6.91
CA ARG A 404 -18.59 4.60 -5.88
C ARG A 404 -18.56 6.06 -5.43
N SER A 405 -17.36 6.56 -5.28
CA SER A 405 -17.14 7.96 -4.83
C SER A 405 -17.74 9.00 -5.75
N TYR A 406 -17.70 8.69 -7.05
CA TYR A 406 -18.23 9.54 -8.12
C TYR A 406 -19.66 9.33 -8.47
N ASP A 407 -20.11 8.07 -8.42
CA ASP A 407 -21.31 7.76 -9.21
C ASP A 407 -22.63 7.97 -8.52
N TRP A 408 -23.01 9.19 -8.25
CA TRP A 408 -24.25 9.52 -7.51
C TRP A 408 -24.61 10.91 -7.86
N ASP A 409 -25.79 11.31 -7.48
CA ASP A 409 -26.30 12.63 -7.78
C ASP A 409 -26.74 13.36 -6.52
N PRO A 410 -26.08 14.48 -6.17
CA PRO A 410 -26.43 15.18 -4.94
C PRO A 410 -27.87 15.58 -4.86
N ALA A 411 -28.47 15.86 -6.00
CA ALA A 411 -29.85 16.30 -5.96
C ALA A 411 -30.83 15.13 -5.73
N ALA A 412 -30.39 13.88 -5.88
CA ALA A 412 -31.28 12.70 -5.74
C ALA A 412 -30.57 11.62 -4.97
N TYR A 413 -30.31 11.96 -3.71
CA TYR A 413 -29.42 11.17 -2.89
C TYR A 413 -30.08 10.85 -1.55
N LEU A 414 -30.44 11.87 -0.81
CA LEU A 414 -30.94 11.68 0.56
C LEU A 414 -32.48 11.61 0.54
N PRO A 415 -33.05 10.43 0.87
CA PRO A 415 -34.49 10.27 0.75
C PRO A 415 -35.16 11.28 1.61
N GLY A 416 -36.17 11.94 1.03
CA GLY A 416 -36.96 12.94 1.75
C GLY A 416 -36.54 14.39 1.65
N ALA A 417 -35.31 14.60 1.20
CA ALA A 417 -34.73 15.92 1.27
C ALA A 417 -35.03 16.62 -0.05
N PRO A 418 -35.53 17.84 0.00
CA PRO A 418 -35.74 18.53 -1.26
C PRO A 418 -34.41 18.91 -1.93
N ALA A 419 -34.37 18.76 -3.24
CA ALA A 419 -33.17 19.06 -4.03
C ALA A 419 -32.69 20.47 -3.82
N GLU A 420 -33.61 21.41 -3.58
CA GLU A 420 -33.19 22.78 -3.45
C GLU A 420 -32.56 23.11 -2.10
N ALA A 421 -32.59 22.17 -1.16
CA ALA A 421 -31.90 22.39 0.11
C ALA A 421 -30.40 22.12 -0.06
N VAL A 422 -30.04 21.34 -1.06
CA VAL A 422 -28.66 20.88 -1.26
C VAL A 422 -27.83 22.09 -1.66
N ARG A 423 -26.87 22.45 -0.85
CA ARG A 423 -25.93 23.58 -1.14
C ARG A 423 -24.67 23.18 -1.89
N GLY A 424 -24.28 21.93 -1.75
CA GLY A 424 -23.12 21.36 -2.36
C GLY A 424 -22.59 20.15 -1.62
N VAL A 425 -21.29 19.97 -1.78
CA VAL A 425 -20.62 18.73 -1.40
C VAL A 425 -19.30 19.03 -0.77
N GLU A 426 -18.78 18.08 -0.02
CA GLU A 426 -17.46 18.15 0.61
C GLU A 426 -16.78 16.83 0.54
N ALA A 427 -15.47 16.85 0.34
CA ALA A 427 -14.61 15.72 0.45
C ALA A 427 -13.65 15.88 1.65
N PRO A 428 -13.97 15.24 2.75
CA PRO A 428 -13.13 15.31 3.97
C PRO A 428 -11.98 14.36 3.94
N LEU A 429 -10.80 14.82 4.32
CA LEU A 429 -9.62 13.98 4.45
C LEU A 429 -9.22 13.94 5.93
N TRP A 430 -9.62 12.87 6.57
CA TRP A 430 -9.22 12.58 7.99
C TRP A 430 -7.83 11.99 8.10
N THR A 431 -7.14 12.27 9.19
CA THR A 431 -5.73 11.91 9.27
C THR A 431 -5.34 11.02 10.44
N GLU A 432 -6.26 10.28 11.00
CA GLU A 432 -5.81 9.22 11.93
C GLU A 432 -4.59 8.41 11.40
N THR A 433 -4.58 8.03 10.11
CA THR A 433 -3.62 7.11 9.50
C THR A 433 -2.57 7.78 8.62
N LEU A 434 -2.64 9.12 8.50
CA LEU A 434 -1.88 9.83 7.51
C LEU A 434 -1.00 10.84 8.17
N SER A 435 0.30 10.76 7.93
CA SER A 435 1.18 11.68 8.63
C SER A 435 2.05 12.47 7.67
N ASP A 436 2.07 12.13 6.38
CA ASP A 436 2.86 12.94 5.51
C ASP A 436 2.15 13.34 4.20
N PRO A 437 2.61 14.41 3.60
CA PRO A 437 1.90 14.90 2.44
C PRO A 437 1.71 13.91 1.30
N ASP A 438 2.69 13.02 1.04
CA ASP A 438 2.49 12.02 0.02
C ASP A 438 1.36 11.09 0.32
N GLN A 439 1.17 10.77 1.59
CA GLN A 439 0.07 9.94 1.99
C GLN A 439 -1.29 10.61 1.84
N LEU A 440 -1.34 11.90 2.16
CA LEU A 440 -2.55 12.68 1.88
C LEU A 440 -2.87 12.54 0.36
N ASP A 441 -1.88 12.70 -0.52
CA ASP A 441 -2.11 12.66 -1.98
C ASP A 441 -2.61 11.31 -2.39
N PHE A 442 -1.98 10.29 -1.82
CA PHE A 442 -2.35 8.90 -2.18
C PHE A 442 -3.78 8.58 -1.84
N MET A 443 -4.30 9.10 -0.72
CA MET A 443 -5.66 8.87 -0.39
C MET A 443 -6.65 9.91 -1.04
N ALA A 444 -6.14 11.11 -1.34
CA ALA A 444 -6.98 12.12 -2.03
C ALA A 444 -7.19 11.88 -3.50
N PHE A 445 -6.18 11.33 -4.17
CA PHE A 445 -6.17 11.06 -5.62
C PHE A 445 -6.22 9.57 -5.88
N PRO A 446 -7.15 9.13 -6.71
CA PRO A 446 -7.91 9.94 -7.67
C PRO A 446 -9.32 10.31 -7.38
N ARG A 447 -9.82 10.22 -6.16
CA ARG A 447 -11.20 10.55 -5.89
C ARG A 447 -11.54 12.08 -5.78
N LEU A 448 -10.56 12.86 -5.41
CA LEU A 448 -10.79 14.32 -5.14
C LEU A 448 -11.40 15.06 -6.36
N PRO A 449 -10.91 14.77 -7.57
CA PRO A 449 -11.51 15.43 -8.74
C PRO A 449 -12.93 15.05 -8.98
N GLY A 450 -13.30 13.81 -8.62
CA GLY A 450 -14.70 13.45 -8.74
C GLY A 450 -15.67 14.22 -7.91
N VAL A 451 -15.31 14.42 -6.67
CA VAL A 451 -16.21 15.14 -5.79
C VAL A 451 -16.32 16.64 -6.27
N ALA A 452 -15.19 17.18 -6.73
CA ALA A 452 -15.20 18.50 -7.35
C ALA A 452 -16.18 18.56 -8.52
N GLU A 453 -16.20 17.52 -9.35
CA GLU A 453 -17.13 17.42 -10.48
C GLU A 453 -18.56 17.38 -10.00
N LEU A 454 -18.84 16.64 -8.92
CA LEU A 454 -20.19 16.62 -8.40
C LEU A 454 -20.60 17.98 -7.92
N GLY A 455 -19.66 18.74 -7.35
CA GLY A 455 -20.03 20.09 -6.89
C GLY A 455 -20.25 21.08 -8.05
N TRP A 456 -19.47 20.90 -9.09
CA TRP A 456 -19.40 21.94 -10.19
C TRP A 456 -20.27 21.65 -11.41
N SER A 457 -20.22 20.44 -11.92
CA SER A 457 -20.65 20.13 -13.26
C SER A 457 -22.17 19.91 -13.31
N PRO A 458 -22.79 20.17 -14.46
CA PRO A 458 -24.25 19.84 -14.55
C PRO A 458 -24.52 18.34 -14.44
N ALA A 459 -25.69 17.95 -13.90
CA ALA A 459 -26.05 16.49 -13.86
C ALA A 459 -26.02 15.83 -15.24
N SER A 460 -26.37 16.58 -16.27
CA SER A 460 -26.37 16.11 -17.66
C SER A 460 -24.98 15.63 -18.15
N THR A 461 -23.88 16.08 -17.53
CA THR A 461 -22.55 15.60 -17.90
C THR A 461 -22.07 14.34 -17.13
N HIS A 462 -22.86 13.91 -16.17
CA HIS A 462 -22.48 12.84 -15.26
C HIS A 462 -22.52 11.47 -15.90
N ASP A 463 -21.40 10.79 -15.98
CA ASP A 463 -21.40 9.47 -16.61
C ASP A 463 -20.11 8.77 -16.32
N TRP A 464 -20.15 7.63 -15.60
CA TRP A 464 -18.94 7.00 -15.17
C TRP A 464 -18.12 6.57 -16.34
N ASP A 465 -18.72 5.89 -17.35
CA ASP A 465 -17.91 5.36 -18.44
C ASP A 465 -17.10 6.39 -19.23
N THR A 466 -17.64 7.57 -19.36
CA THR A 466 -16.86 8.66 -19.97
C THR A 466 -16.02 9.51 -18.98
N TYR A 467 -16.53 9.69 -17.77
CA TYR A 467 -15.73 10.34 -16.68
C TYR A 467 -14.41 9.62 -16.47
N LYS A 468 -14.45 8.29 -16.39
CA LYS A 468 -13.22 7.55 -16.10
C LYS A 468 -12.14 7.76 -17.13
N VAL A 469 -12.54 8.05 -18.38
CA VAL A 469 -11.55 8.39 -19.43
C VAL A 469 -10.92 9.77 -19.22
N ARG A 470 -11.72 10.72 -18.81
CA ARG A 470 -11.22 12.04 -18.42
C ARG A 470 -10.31 11.92 -17.19
N LEU A 471 -10.70 11.09 -16.21
CA LEU A 471 -9.82 10.92 -15.02
C LEU A 471 -8.50 10.30 -15.39
N ALA A 472 -8.50 9.26 -16.24
CA ALA A 472 -7.23 8.64 -16.64
C ALA A 472 -6.35 9.67 -17.33
N GLY A 473 -6.99 10.59 -18.06
CA GLY A 473 -6.25 11.71 -18.71
C GLY A 473 -5.54 12.64 -17.74
N GLN A 474 -5.90 12.61 -16.45
CA GLN A 474 -5.21 13.48 -15.52
C GLN A 474 -3.89 12.90 -15.08
N ALA A 475 -3.74 11.59 -15.15
CA ALA A 475 -2.55 10.95 -14.56
C ALA A 475 -1.20 11.44 -15.07
N PRO A 476 -1.04 11.68 -16.41
CA PRO A 476 0.23 12.22 -16.80
C PRO A 476 0.47 13.60 -16.21
N HIS A 477 -0.58 14.37 -15.95
CA HIS A 477 -0.41 15.64 -15.31
C HIS A 477 0.04 15.49 -13.84
N TRP A 478 -0.64 14.61 -13.12
CA TRP A 478 -0.26 14.28 -11.75
C TRP A 478 1.19 13.82 -11.65
N GLU A 479 1.59 12.97 -12.59
CA GLU A 479 3.01 12.55 -12.65
C GLU A 479 3.96 13.73 -12.81
N ALA A 480 3.68 14.64 -13.74
CA ALA A 480 4.56 15.81 -13.91
C ALA A 480 4.54 16.73 -12.71
N MET A 481 3.45 16.73 -11.99
CA MET A 481 3.31 17.65 -10.87
C MET A 481 3.88 17.08 -9.59
N GLY A 482 4.21 15.78 -9.59
CA GLY A 482 4.72 15.15 -8.40
C GLY A 482 3.62 14.75 -7.42
N ILE A 483 2.44 14.38 -7.91
CA ILE A 483 1.32 13.95 -7.07
C ILE A 483 1.19 12.44 -7.09
N ASP A 484 1.38 11.81 -5.92
CA ASP A 484 1.18 10.38 -5.76
C ASP A 484 -0.31 10.04 -5.86
N TYR A 485 -0.66 8.86 -6.38
CA TYR A 485 -2.07 8.51 -6.53
C TYR A 485 -2.26 7.04 -6.59
N TYR A 486 -3.46 6.63 -6.29
CA TYR A 486 -3.87 5.27 -6.34
C TYR A 486 -4.34 4.86 -7.75
N ARG A 487 -3.67 3.87 -8.33
CA ARG A 487 -3.89 3.47 -9.73
C ARG A 487 -4.99 2.51 -9.77
N SER A 488 -6.19 2.98 -9.46
CA SER A 488 -7.32 2.12 -9.37
C SER A 488 -7.47 1.21 -10.58
N PRO A 489 -7.79 -0.08 -10.34
CA PRO A 489 -8.10 -0.97 -11.51
C PRO A 489 -9.40 -0.65 -12.19
N GLN A 490 -10.23 0.20 -11.63
CA GLN A 490 -11.46 0.58 -12.30
C GLN A 490 -11.24 1.69 -13.40
N VAL A 491 -10.05 2.27 -13.45
CA VAL A 491 -9.83 3.42 -14.28
C VAL A 491 -8.91 2.98 -15.37
N PRO A 492 -9.19 3.42 -16.61
CA PRO A 492 -8.33 2.94 -17.71
C PRO A 492 -7.08 3.74 -17.99
N TRP A 493 -6.14 3.68 -17.08
CA TRP A 493 -4.90 4.41 -17.19
C TRP A 493 -4.21 4.01 -18.48
N THR A 494 -3.63 4.96 -19.17
CA THR A 494 -2.81 4.66 -20.31
C THR A 494 -1.40 4.43 -19.84
N ALA B 1 -9.70 -49.27 3.57
CA ALA B 1 -8.45 -48.54 3.16
C ALA B 1 -7.28 -49.27 3.76
N GLU B 2 -6.16 -49.16 3.03
CA GLU B 2 -4.88 -49.62 3.50
C GLU B 2 -4.06 -48.35 3.73
N PRO B 3 -3.08 -48.44 4.59
CA PRO B 3 -2.27 -47.20 4.85
C PRO B 3 -1.44 -46.87 3.65
N THR B 4 -1.26 -45.59 3.36
CA THR B 4 -0.19 -45.19 2.37
C THR B 4 1.15 -45.67 2.79
N PRO B 5 1.97 -46.12 1.82
CA PRO B 5 3.20 -46.68 2.30
C PRO B 5 4.05 -45.69 3.07
N LEU B 6 4.83 -46.22 4.00
CA LEU B 6 5.65 -45.38 4.91
C LEU B 6 6.68 -44.57 4.19
N ASP B 7 7.11 -45.02 3.00
CA ASP B 7 8.07 -44.27 2.23
C ASP B 7 7.53 -43.34 1.19
N ARG B 8 6.22 -43.24 1.10
CA ARG B 8 5.60 -42.41 0.05
CA ARG B 8 5.62 -42.42 0.06
C ARG B 8 5.41 -40.97 0.59
N VAL B 9 6.53 -40.29 0.79
CA VAL B 9 6.58 -38.94 1.32
C VAL B 9 7.57 -38.13 0.47
N ILE B 10 7.35 -36.82 0.36
CA ILE B 10 8.32 -35.88 -0.24
C ILE B 10 8.57 -34.76 0.81
N PRO B 11 9.84 -34.49 1.18
CA PRO B 11 11.06 -35.17 0.72
C PRO B 11 11.13 -36.64 1.11
N ALA B 12 11.71 -37.44 0.25
CA ALA B 12 12.09 -38.83 0.63
C ALA B 12 12.83 -38.81 1.96
N PRO B 13 12.34 -39.58 2.99
CA PRO B 13 13.04 -39.55 4.26
C PRO B 13 14.39 -40.27 4.15
N ALA B 14 15.32 -39.90 5.02
CA ALA B 14 16.65 -40.46 5.07
C ALA B 14 16.63 -41.97 5.33
N SER B 15 15.70 -42.44 6.15
CA SER B 15 15.64 -43.86 6.48
C SER B 15 14.24 -44.25 6.72
N VAL B 16 13.72 -45.24 5.98
CA VAL B 16 12.39 -45.71 6.19
C VAL B 16 12.43 -47.24 6.44
N GLU B 17 11.87 -47.69 7.55
CA GLU B 17 11.82 -49.09 7.91
C GLU B 17 10.41 -49.51 8.19
N PRO B 18 9.69 -49.94 7.16
CA PRO B 18 8.29 -50.32 7.38
C PRO B 18 8.17 -51.67 8.11
N GLY B 19 7.14 -51.81 8.89
CA GLY B 19 6.85 -53.08 9.54
C GLY B 19 5.76 -52.93 10.55
N GLY B 20 5.03 -54.01 10.78
CA GLY B 20 3.93 -53.98 11.76
C GLY B 20 2.64 -53.43 11.27
N ALA B 21 1.63 -53.60 12.10
CA ALA B 21 0.33 -53.04 11.89
C ALA B 21 0.38 -51.48 12.00
N PRO B 22 -0.59 -50.81 11.41
CA PRO B 22 -0.55 -49.34 11.39
C PRO B 22 -1.20 -48.79 12.63
N TYR B 23 -0.95 -47.50 12.88
CA TYR B 23 -1.76 -46.80 13.87
C TYR B 23 -3.07 -46.36 13.23
N ARG B 24 -4.17 -46.46 13.98
CA ARG B 24 -5.41 -45.88 13.56
C ARG B 24 -5.81 -44.75 14.51
N ILE B 25 -5.98 -43.53 14.00
CA ILE B 25 -6.41 -42.45 14.83
C ILE B 25 -7.93 -42.66 15.04
N THR B 26 -8.39 -42.61 16.29
CA THR B 26 -9.82 -42.78 16.56
C THR B 26 -10.36 -41.65 17.44
N ARG B 27 -11.67 -41.71 17.74
CA ARG B 27 -12.34 -40.67 18.54
C ARG B 27 -11.66 -40.45 19.86
N GLY B 28 -10.97 -41.44 20.39
CA GLY B 28 -10.30 -41.33 21.65
C GLY B 28 -8.82 -40.96 21.58
N THR B 29 -8.25 -40.74 20.39
CA THR B 29 -6.87 -40.32 20.31
C THR B 29 -6.67 -38.91 20.93
N HIS B 30 -5.65 -38.81 21.78
CA HIS B 30 -5.15 -37.57 22.33
C HIS B 30 -3.84 -37.29 21.68
N ILE B 31 -3.50 -36.02 21.68
CA ILE B 31 -2.18 -35.61 21.34
C ILE B 31 -1.44 -35.25 22.61
N ARG B 32 -0.40 -35.99 22.98
CA ARG B 32 0.27 -35.75 24.20
C ARG B 32 1.59 -35.14 23.93
N VAL B 33 1.83 -34.01 24.61
CA VAL B 33 3.08 -33.24 24.48
C VAL B 33 3.71 -33.14 25.84
N ASP B 34 4.97 -32.78 25.83
CA ASP B 34 5.72 -32.46 27.05
C ASP B 34 5.16 -31.18 27.69
N ASP B 35 5.57 -30.81 28.90
CA ASP B 35 4.95 -29.64 29.56
C ASP B 35 5.84 -28.44 29.24
N SER B 36 5.84 -28.06 27.96
CA SER B 36 6.73 -27.05 27.37
C SER B 36 5.94 -26.25 26.32
N ARG B 37 6.11 -24.93 26.34
CA ARG B 37 5.51 -24.04 25.36
C ARG B 37 5.78 -24.52 23.91
N GLU B 38 7.05 -24.77 23.56
CA GLU B 38 7.53 -25.12 22.20
C GLU B 38 6.76 -26.41 21.74
N ALA B 39 6.74 -27.42 22.60
CA ALA B 39 6.05 -28.68 22.28
C ALA B 39 4.54 -28.53 22.13
N ARG B 40 3.93 -27.82 23.05
CA ARG B 40 2.53 -27.57 22.94
C ARG B 40 2.02 -26.80 21.70
N ARG B 41 2.84 -25.87 21.23
CA ARG B 41 2.45 -25.13 20.03
C ARG B 41 2.44 -26.07 18.85
N VAL B 42 3.40 -26.99 18.77
CA VAL B 42 3.37 -28.03 17.73
C VAL B 42 2.11 -28.92 17.90
N GLY B 43 1.83 -29.32 19.13
CA GLY B 43 0.61 -30.04 19.39
C GLY B 43 -0.61 -29.38 18.88
N ASP B 44 -0.81 -28.09 19.18
CA ASP B 44 -1.99 -27.39 18.76
C ASP B 44 -2.08 -27.22 17.23
N TYR B 45 -0.92 -27.06 16.62
CA TYR B 45 -0.83 -26.98 15.16
C TYR B 45 -1.33 -28.30 14.54
N LEU B 46 -0.85 -29.44 15.03
CA LEU B 46 -1.33 -30.78 14.61
C LEU B 46 -2.83 -31.00 14.83
N ALA B 47 -3.33 -30.62 16.01
CA ALA B 47 -4.78 -30.72 16.27
C ALA B 47 -5.61 -29.91 15.30
N ASP B 48 -5.14 -28.70 15.02
CA ASP B 48 -5.83 -27.84 14.08
C ASP B 48 -5.89 -28.42 12.66
N LEU B 49 -4.86 -29.19 12.31
CA LEU B 49 -4.81 -29.91 11.06
C LEU B 49 -5.83 -31.05 11.03
N LEU B 50 -5.96 -31.74 12.14
CA LEU B 50 -6.66 -33.01 12.16
C LEU B 50 -8.10 -32.89 12.58
N ARG B 51 -8.43 -31.89 13.40
CA ARG B 51 -9.82 -31.79 13.89
C ARG B 51 -10.95 -31.70 12.87
N PRO B 52 -10.84 -30.82 11.84
CA PRO B 52 -11.96 -30.62 10.91
C PRO B 52 -12.37 -31.88 10.13
N ALA B 53 -11.37 -32.59 9.59
CA ALA B 53 -11.64 -33.78 8.80
C ALA B 53 -11.98 -35.00 9.62
N THR B 54 -11.37 -35.17 10.79
CA THR B 54 -11.68 -36.33 11.57
C THR B 54 -12.98 -36.09 12.34
N GLY B 55 -13.22 -34.87 12.71
CA GLY B 55 -14.35 -34.57 13.62
C GLY B 55 -14.08 -34.97 15.07
N TYR B 56 -12.87 -35.38 15.37
CA TYR B 56 -12.57 -35.82 16.69
C TYR B 56 -12.14 -34.64 17.57
N ARG B 57 -12.17 -34.86 18.87
CA ARG B 57 -11.83 -33.79 19.80
C ARG B 57 -10.32 -33.57 19.82
N LEU B 58 -9.56 -34.64 19.80
CA LEU B 58 -8.07 -34.57 19.81
C LEU B 58 -7.57 -33.50 20.75
N PRO B 59 -7.88 -33.61 22.04
CA PRO B 59 -7.26 -32.70 22.98
C PRO B 59 -5.75 -32.79 23.02
N VAL B 60 -5.06 -31.69 23.25
CA VAL B 60 -3.66 -31.63 23.47
C VAL B 60 -3.42 -31.65 24.96
N THR B 61 -2.68 -32.66 25.44
CA THR B 61 -2.67 -33.05 26.89
C THR B 61 -1.27 -33.34 27.30
N SER B 62 -1.03 -33.33 28.60
CA SER B 62 0.23 -33.83 29.13
C SER B 62 0.06 -35.11 29.91
N HIS B 63 -1.11 -35.76 29.86
CA HIS B 63 -1.33 -37.06 30.51
C HIS B 63 -2.03 -38.04 29.58
N GLY B 64 -1.96 -39.35 29.87
N GLY B 64 -2.25 -39.26 30.09
CA GLY B 64 -2.62 -40.37 29.03
CA GLY B 64 -3.01 -40.27 29.38
C GLY B 64 -1.75 -41.35 28.24
C GLY B 64 -2.12 -40.78 28.31
N HIS B 65 -2.39 -42.42 27.76
N HIS B 65 -2.40 -41.94 27.76
CA HIS B 65 -1.68 -43.48 27.02
CA HIS B 65 -1.53 -42.32 26.66
C HIS B 65 -1.91 -43.35 25.53
C HIS B 65 -1.83 -41.31 25.53
N GLY B 66 -0.99 -43.93 24.77
N GLY B 66 -0.77 -40.89 24.88
CA GLY B 66 -1.16 -44.08 23.33
CA GLY B 66 -0.91 -40.04 23.72
C GLY B 66 -1.34 -42.74 22.62
C GLY B 66 -0.87 -40.98 22.55
N GLY B 67 -2.18 -42.74 21.62
N GLY B 67 -2.03 -41.24 21.97
CA GLY B 67 -2.46 -41.54 20.85
CA GLY B 67 -2.12 -41.96 20.72
C GLY B 67 -1.23 -41.11 20.08
C GLY B 67 -1.13 -41.37 19.74
N ILE B 68 -1.19 -39.83 19.71
N ILE B 68 -1.05 -40.03 19.77
CA ILE B 68 -0.05 -39.22 19.07
CA ILE B 68 -0.03 -39.25 19.08
C ILE B 68 0.83 -38.50 20.10
C ILE B 68 0.82 -38.52 20.11
N ARG B 69 2.08 -38.91 20.21
CA ARG B 69 2.99 -38.43 21.19
C ARG B 69 4.07 -37.60 20.50
N LEU B 70 4.22 -36.34 20.91
CA LEU B 70 5.37 -35.51 20.52
C LEU B 70 6.33 -35.36 21.66
N ARG B 71 7.57 -35.74 21.42
CA ARG B 71 8.58 -35.72 22.45
CA ARG B 71 8.58 -35.71 22.46
C ARG B 71 9.79 -34.94 22.03
N LEU B 72 10.25 -34.03 22.91
CA LEU B 72 11.58 -33.45 22.71
C LEU B 72 12.58 -34.18 23.57
N ALA B 73 13.67 -34.62 22.98
CA ALA B 73 14.66 -35.42 23.71
C ALA B 73 15.95 -35.34 22.95
N GLU B 74 17.04 -35.62 23.64
CA GLU B 74 18.31 -35.74 23.01
C GLU B 74 18.34 -36.93 22.08
N GLY B 75 19.18 -36.85 21.05
CA GLY B 75 19.18 -37.86 20.08
C GLY B 75 19.89 -37.38 18.88
N PRO B 76 20.02 -38.26 17.89
CA PRO B 76 20.81 -37.96 16.72
C PRO B 76 20.01 -37.25 15.58
N TYR B 77 19.23 -36.26 16.00
N TYR B 77 19.19 -36.28 15.84
CA TYR B 77 18.22 -35.58 15.17
CA TYR B 77 18.54 -35.74 14.65
C TYR B 77 18.76 -34.31 14.46
C TYR B 77 18.68 -34.23 14.50
N GLY B 78 19.76 -33.71 15.08
CA GLY B 78 20.16 -32.35 14.81
C GLY B 78 19.11 -31.32 15.14
N ASP B 79 19.24 -30.14 14.53
CA ASP B 79 18.30 -29.08 14.85
C ASP B 79 16.93 -29.26 14.16
N GLU B 80 16.93 -30.03 13.08
CA GLU B 80 15.76 -30.12 12.16
C GLU B 80 15.18 -31.50 11.94
N GLY B 81 15.88 -32.54 12.35
CA GLY B 81 15.50 -33.92 12.10
C GLY B 81 14.60 -34.45 13.17
N TYR B 82 14.10 -35.66 12.93
CA TYR B 82 13.13 -36.29 13.81
C TYR B 82 13.15 -37.83 13.59
N ARG B 83 12.51 -38.55 14.49
CA ARG B 83 12.16 -39.98 14.28
C ARG B 83 10.65 -40.07 14.46
N LEU B 84 10.00 -40.84 13.60
CA LEU B 84 8.59 -41.06 13.68
C LEU B 84 8.46 -42.60 13.81
N ASP B 85 7.82 -43.02 14.87
CA ASP B 85 7.53 -44.45 15.11
C ASP B 85 6.04 -44.63 15.06
N SER B 86 5.54 -45.59 14.30
CA SER B 86 4.11 -45.80 14.19
C SER B 86 3.79 -47.32 14.38
N GLY B 87 2.69 -47.60 15.01
CA GLY B 87 2.22 -48.99 15.20
C GLY B 87 0.88 -48.93 15.86
N ARG B 88 0.33 -50.12 16.16
CA ARG B 88 -0.94 -50.32 16.81
CA ARG B 88 -1.02 -50.14 16.68
C ARG B 88 -1.08 -49.41 18.03
N GLU B 89 0.03 -49.29 18.73
CA GLU B 89 0.08 -48.60 20.02
C GLU B 89 0.06 -47.07 19.93
N GLY B 90 0.47 -46.51 18.79
CA GLY B 90 0.38 -45.05 18.61
C GLY B 90 1.45 -44.61 17.65
N VAL B 91 1.50 -43.31 17.46
CA VAL B 91 2.58 -42.63 16.71
C VAL B 91 3.33 -41.72 17.63
N THR B 92 4.62 -41.85 17.63
CA THR B 92 5.52 -40.99 18.39
C THR B 92 6.45 -40.25 17.45
N ILE B 93 6.47 -38.94 17.59
CA ILE B 93 7.49 -38.15 16.93
C ILE B 93 8.39 -37.54 17.98
N THR B 94 9.68 -37.79 17.80
CA THR B 94 10.71 -37.38 18.70
C THR B 94 11.70 -36.54 17.96
N ALA B 95 12.17 -35.44 18.57
CA ALA B 95 13.20 -34.59 17.95
C ALA B 95 13.95 -33.88 19.06
N ARG B 96 14.99 -33.20 18.70
CA ARG B 96 15.66 -32.32 19.68
C ARG B 96 15.01 -30.97 19.84
N LYS B 97 14.36 -30.44 18.77
CA LYS B 97 13.88 -29.05 18.70
C LYS B 97 12.50 -29.05 18.14
N ALA B 98 11.77 -27.99 18.39
CA ALA B 98 10.45 -27.88 17.81
C ALA B 98 10.43 -27.96 16.28
N ALA B 99 11.48 -27.48 15.59
CA ALA B 99 11.53 -27.53 14.14
C ALA B 99 11.45 -29.00 13.65
N GLY B 100 12.14 -29.88 14.36
CA GLY B 100 12.13 -31.33 14.16
C GLY B 100 10.75 -31.92 14.30
N LEU B 101 10.06 -31.57 15.39
CA LEU B 101 8.70 -32.02 15.57
C LEU B 101 7.79 -31.55 14.45
N PHE B 102 7.97 -30.30 14.03
CA PHE B 102 7.16 -29.70 13.00
C PHE B 102 7.38 -30.47 11.65
N HIS B 103 8.61 -30.78 11.33
CA HIS B 103 8.93 -31.52 10.13
C HIS B 103 8.29 -32.89 10.20
N GLY B 104 8.32 -33.46 11.38
CA GLY B 104 7.68 -34.77 11.59
C GLY B 104 6.21 -34.74 11.37
N VAL B 105 5.55 -33.66 11.77
CA VAL B 105 4.15 -33.45 11.51
C VAL B 105 3.88 -33.39 10.03
N GLN B 106 4.76 -32.71 9.26
CA GLN B 106 4.49 -32.62 7.82
C GLN B 106 4.56 -34.03 7.15
N THR B 107 5.46 -34.88 7.64
CA THR B 107 5.58 -36.30 7.22
C THR B 107 4.29 -37.02 7.57
N LEU B 108 3.79 -36.80 8.78
CA LEU B 108 2.55 -37.46 9.18
C LEU B 108 1.39 -37.06 8.37
N ARG B 109 1.24 -35.78 8.03
CA ARG B 109 0.16 -35.47 7.23
C ARG B 109 0.17 -36.10 5.85
N GLN B 110 1.36 -36.31 5.26
CA GLN B 110 1.47 -37.04 4.00
C GLN B 110 1.19 -38.54 4.13
N LEU B 111 1.35 -39.10 5.32
CA LEU B 111 1.10 -40.51 5.58
C LEU B 111 -0.36 -40.80 5.71
N LEU B 112 -1.08 -39.78 6.16
CA LEU B 112 -2.52 -39.89 6.36
C LEU B 112 -3.24 -39.74 5.05
N PRO B 113 -4.46 -40.26 4.95
CA PRO B 113 -5.22 -40.12 3.73
C PRO B 113 -5.47 -38.68 3.34
N ALA B 114 -5.62 -38.44 2.05
CA ALA B 114 -5.82 -37.11 1.51
C ALA B 114 -7.07 -36.40 2.07
N ALA B 115 -8.07 -37.17 2.49
CA ALA B 115 -9.26 -36.60 3.04
C ALA B 115 -8.99 -35.81 4.34
N VAL B 116 -7.84 -36.02 4.96
CA VAL B 116 -7.46 -35.31 6.15
C VAL B 116 -7.38 -33.82 5.91
N GLU B 117 -7.20 -33.38 4.65
CA GLU B 117 -7.01 -31.99 4.33
C GLU B 117 -8.37 -31.31 4.15
N LYS B 118 -9.46 -32.08 4.22
CA LYS B 118 -10.82 -31.50 4.07
C LYS B 118 -11.22 -30.70 5.27
N ASP B 119 -12.20 -29.81 5.10
CA ASP B 119 -12.55 -28.92 6.20
C ASP B 119 -13.87 -29.30 6.97
N SER B 120 -14.36 -30.51 6.75
CA SER B 120 -15.57 -31.06 7.43
C SER B 120 -15.35 -32.55 7.59
N ALA B 121 -16.15 -33.16 8.46
CA ALA B 121 -15.83 -34.48 8.94
C ALA B 121 -15.99 -35.54 7.80
N GLN B 122 -14.98 -36.38 7.68
CA GLN B 122 -14.92 -37.39 6.64
C GLN B 122 -14.85 -38.73 7.31
N PRO B 123 -15.25 -39.78 6.57
CA PRO B 123 -15.12 -41.12 7.09
C PRO B 123 -13.66 -41.55 7.29
N GLY B 124 -13.41 -42.40 8.24
CA GLY B 124 -12.08 -42.95 8.33
C GLY B 124 -11.86 -44.07 7.29
N PRO B 125 -10.88 -44.91 7.54
CA PRO B 125 -10.11 -44.92 8.74
C PRO B 125 -8.92 -43.96 8.55
N TRP B 126 -8.31 -43.60 9.64
CA TRP B 126 -7.22 -42.62 9.66
C TRP B 126 -6.01 -43.40 9.96
N LEU B 127 -5.47 -44.04 8.93
CA LEU B 127 -4.38 -45.00 9.16
C LEU B 127 -3.02 -44.36 8.94
N VAL B 128 -2.08 -44.72 9.79
CA VAL B 128 -0.66 -44.39 9.62
C VAL B 128 0.19 -45.66 9.51
N ALA B 129 0.83 -45.90 8.36
CA ALA B 129 1.65 -47.05 8.20
C ALA B 129 2.57 -47.36 9.33
N GLY B 130 2.67 -48.65 9.61
CA GLY B 130 3.58 -49.09 10.66
C GLY B 130 5.05 -49.04 10.31
N GLY B 131 5.86 -48.66 11.28
CA GLY B 131 7.30 -48.76 11.14
C GLY B 131 7.97 -47.52 11.73
N THR B 132 9.21 -47.29 11.29
CA THR B 132 10.04 -46.21 11.82
C THR B 132 10.65 -45.41 10.66
N ILE B 133 10.57 -44.08 10.78
CA ILE B 133 11.28 -43.19 9.87
C ILE B 133 12.29 -42.45 10.71
N GLU B 134 13.54 -42.39 10.26
CA GLU B 134 14.59 -41.60 10.86
C GLU B 134 15.03 -40.61 9.81
N ASP B 135 14.92 -39.31 10.08
CA ASP B 135 14.99 -38.33 9.02
C ASP B 135 15.76 -37.08 9.44
N THR B 136 16.76 -36.68 8.65
CA THR B 136 17.52 -35.48 8.87
C THR B 136 17.78 -34.91 7.50
N PRO B 137 18.00 -33.59 7.40
CA PRO B 137 18.23 -33.03 6.08
C PRO B 137 19.68 -33.13 5.58
N ARG B 138 19.82 -33.19 4.28
CA ARG B 138 21.10 -33.13 3.57
C ARG B 138 21.74 -31.75 3.59
N TYR B 139 20.96 -30.69 3.35
CA TYR B 139 21.46 -29.31 3.24
C TYR B 139 20.72 -28.44 4.19
N ALA B 140 21.42 -27.47 4.75
CA ALA B 140 20.81 -26.53 5.71
C ALA B 140 20.09 -25.35 5.02
N TRP B 141 20.45 -25.05 3.80
CA TRP B 141 19.75 -24.04 3.04
C TRP B 141 18.70 -24.61 2.10
N ARG B 142 17.43 -24.55 2.49
CA ARG B 142 16.38 -25.10 1.64
C ARG B 142 15.35 -24.01 1.52
N SER B 143 15.41 -23.23 0.42
CA SER B 143 14.62 -22.03 0.40
CA SER B 143 14.72 -21.98 0.33
C SER B 143 13.68 -21.90 -0.78
N ALA B 144 12.63 -21.15 -0.51
CA ALA B 144 11.72 -20.70 -1.57
C ALA B 144 11.71 -19.19 -1.67
N MET B 145 11.74 -18.66 -2.87
CA MET B 145 11.66 -17.19 -3.03
C MET B 145 10.32 -16.80 -3.63
N LEU B 146 9.73 -15.72 -3.11
CA LEU B 146 8.57 -15.10 -3.77
C LEU B 146 8.97 -13.70 -4.15
N ASP B 147 8.73 -13.36 -5.40
CA ASP B 147 8.95 -12.01 -5.95
C ASP B 147 7.63 -11.25 -5.70
N VAL B 148 7.67 -10.27 -4.79
CA VAL B 148 6.49 -9.45 -4.53
C VAL B 148 6.70 -8.04 -5.13
N SER B 149 7.78 -7.85 -5.90
CA SER B 149 8.01 -6.57 -6.57
C SER B 149 7.38 -6.41 -7.96
N ARG B 150 7.48 -7.44 -8.79
CA ARG B 150 6.89 -7.35 -10.11
C ARG B 150 5.38 -7.32 -10.06
N HIS B 151 4.75 -8.24 -9.33
CA HIS B 151 3.40 -8.08 -8.82
C HIS B 151 3.39 -8.23 -7.32
N PHE B 152 2.59 -7.37 -6.68
CA PHE B 152 2.45 -7.37 -5.25
C PHE B 152 1.49 -8.43 -4.75
N PHE B 153 1.85 -9.10 -3.64
CA PHE B 153 0.99 -10.07 -2.98
C PHE B 153 0.81 -9.60 -1.58
N SER B 154 -0.44 -9.68 -1.12
CA SER B 154 -0.79 -9.26 0.24
C SER B 154 -0.19 -10.11 1.35
N VAL B 155 -0.27 -9.61 2.58
CA VAL B 155 0.10 -10.39 3.73
C VAL B 155 -0.57 -11.77 3.73
N ASP B 156 -1.90 -11.79 3.56
CA ASP B 156 -2.57 -13.07 3.49
C ASP B 156 -2.15 -13.97 2.35
N GLU B 157 -1.87 -13.40 1.22
CA GLU B 157 -1.36 -14.19 0.12
C GLU B 157 0.02 -14.81 0.42
N VAL B 158 0.86 -13.99 1.03
CA VAL B 158 2.15 -14.51 1.46
C VAL B 158 2.06 -15.59 2.50
N LYS B 159 1.14 -15.46 3.45
CA LYS B 159 0.87 -16.51 4.40
C LYS B 159 0.43 -17.84 3.76
N ARG B 160 -0.44 -17.74 2.77
CA ARG B 160 -0.85 -18.90 2.01
C ARG B 160 0.36 -19.56 1.29
N TYR B 161 1.24 -18.78 0.74
CA TYR B 161 2.43 -19.33 0.17
C TYR B 161 3.32 -20.02 1.19
N ILE B 162 3.50 -19.39 2.36
CA ILE B 162 4.23 -19.97 3.47
C ILE B 162 3.65 -21.38 3.80
N ASP B 163 2.33 -21.50 3.78
CA ASP B 163 1.70 -22.78 4.09
C ASP B 163 1.97 -23.86 2.99
N ARG B 164 2.09 -23.44 1.74
CA ARG B 164 2.50 -24.31 0.65
C ARG B 164 3.94 -24.79 0.82
N VAL B 165 4.87 -23.88 1.10
CA VAL B 165 6.23 -24.31 1.21
C VAL B 165 6.54 -25.13 2.48
N ALA B 166 5.82 -24.86 3.58
CA ALA B 166 5.99 -25.60 4.82
C ALA B 166 5.63 -27.08 4.71
N LEU B 167 4.81 -27.41 3.74
CA LEU B 167 4.42 -28.82 3.53
C LEU B 167 5.65 -29.69 3.21
N TYR B 168 6.69 -29.09 2.61
CA TYR B 168 7.84 -29.80 2.07
C TYR B 168 9.19 -29.52 2.78
N LYS B 169 9.13 -28.98 3.98
CA LYS B 169 10.30 -28.84 4.90
C LYS B 169 11.34 -27.82 4.41
N TYR B 170 10.93 -26.92 3.55
CA TYR B 170 11.71 -25.70 3.30
C TYR B 170 11.91 -25.01 4.64
N ASN B 171 13.05 -24.37 4.79
CA ASN B 171 13.37 -23.65 6.03
C ASN B 171 13.71 -22.21 5.88
N LYS B 172 13.73 -21.70 4.64
CA LYS B 172 13.97 -20.28 4.39
C LYS B 172 12.96 -19.76 3.39
N LEU B 173 12.44 -18.55 3.62
CA LEU B 173 11.63 -17.84 2.68
C LEU B 173 12.36 -16.58 2.25
N HIS B 174 12.78 -16.54 1.01
CA HIS B 174 13.49 -15.39 0.44
C HIS B 174 12.44 -14.49 -0.17
N LEU B 175 12.36 -13.28 0.33
CA LEU B 175 11.41 -12.33 -0.19
C LEU B 175 12.09 -11.26 -0.98
N HIS B 176 11.70 -11.18 -2.25
CA HIS B 176 12.29 -10.21 -3.17
C HIS B 176 11.42 -8.97 -3.14
N ILE B 177 11.75 -8.04 -2.27
CA ILE B 177 10.84 -6.98 -1.90
C ILE B 177 11.16 -5.64 -2.56
N SER B 178 12.19 -5.60 -3.43
CA SER B 178 12.42 -4.42 -4.24
C SER B 178 12.89 -4.78 -5.63
N ASP B 179 12.39 -4.02 -6.62
CA ASP B 179 12.88 -4.20 -7.98
C ASP B 179 12.59 -2.91 -8.76
N ASP B 180 12.71 -3.00 -10.07
CA ASP B 180 12.38 -1.87 -10.95
C ASP B 180 10.92 -1.43 -10.88
N GLN B 181 9.97 -2.34 -10.57
CA GLN B 181 8.59 -2.06 -10.70
C GLN B 181 7.91 -1.86 -9.34
N GLY B 182 8.68 -1.90 -8.26
CA GLY B 182 8.06 -1.80 -6.96
C GLY B 182 9.04 -1.87 -5.79
N TRP B 183 8.69 -1.13 -4.72
CA TRP B 183 9.45 -1.16 -3.50
C TRP B 183 8.40 -1.48 -2.46
N ARG B 184 8.57 -2.57 -1.72
CA ARG B 184 7.47 -3.19 -0.95
C ARG B 184 7.53 -3.08 0.54
N LEU B 185 8.52 -2.37 1.07
CA LEU B 185 8.60 -2.25 2.52
C LEU B 185 8.76 -0.77 3.00
N ALA B 186 7.94 -0.37 3.97
CA ALA B 186 8.06 0.97 4.55
C ALA B 186 9.40 1.13 5.24
N ILE B 187 10.10 2.22 4.88
CA ILE B 187 11.38 2.59 5.48
C ILE B 187 11.17 4.04 5.95
N ASP B 188 11.19 4.24 7.25
CA ASP B 188 10.88 5.55 7.86
C ASP B 188 11.85 6.66 7.52
N SER B 189 13.11 6.33 7.42
CA SER B 189 14.11 7.32 6.99
C SER B 189 14.05 7.73 5.53
N TRP B 190 13.35 6.96 4.67
CA TRP B 190 13.16 7.21 3.23
C TRP B 190 11.70 6.92 2.84
N PRO B 191 10.78 7.73 3.38
CA PRO B 191 9.32 7.39 3.36
C PRO B 191 8.71 7.27 1.99
N ARG B 192 9.34 7.91 0.97
CA ARG B 192 8.76 7.80 -0.36
C ARG B 192 8.97 6.43 -0.99
N LEU B 193 9.94 5.65 -0.52
CA LEU B 193 10.23 4.42 -1.21
C LEU B 193 8.97 3.53 -1.27
N ALA B 194 8.29 3.35 -0.14
CA ALA B 194 7.06 2.61 -0.15
C ALA B 194 5.86 3.41 -0.63
N THR B 195 5.71 4.61 -0.13
CA THR B 195 4.51 5.40 -0.46
C THR B 195 4.34 5.73 -1.91
N TYR B 196 5.46 6.06 -2.54
CA TYR B 196 5.51 6.33 -3.94
C TYR B 196 6.04 5.18 -4.75
N GLY B 197 7.23 4.69 -4.42
CA GLY B 197 7.80 3.53 -5.14
C GLY B 197 7.03 2.21 -5.08
N GLY B 198 6.09 2.15 -4.16
CA GLY B 198 5.19 1.02 -4.02
C GLY B 198 3.88 1.16 -4.75
N SER B 199 3.65 2.30 -5.38
CA SER B 199 2.31 2.67 -5.86
C SER B 199 1.96 2.01 -7.21
N THR B 200 2.84 1.24 -7.82
CA THR B 200 2.40 0.49 -9.01
C THR B 200 3.12 -0.86 -9.07
N GLU B 201 3.07 -1.48 -10.24
CA GLU B 201 3.67 -2.79 -10.44
C GLU B 201 3.74 -3.05 -11.96
N VAL B 202 4.25 -4.22 -12.37
CA VAL B 202 4.18 -4.62 -13.79
C VAL B 202 2.73 -4.44 -14.23
N GLY B 203 2.53 -3.78 -15.35
CA GLY B 203 1.20 -3.72 -15.91
C GLY B 203 0.48 -2.43 -15.51
N GLY B 204 1.07 -1.63 -14.61
CA GLY B 204 0.43 -0.37 -14.18
C GLY B 204 -0.75 -0.47 -13.22
N GLY B 205 -0.93 -1.64 -12.61
CA GLY B 205 -1.92 -1.83 -11.54
C GLY B 205 -1.51 -1.10 -10.25
N PRO B 206 -2.33 -1.17 -9.21
CA PRO B 206 -2.17 -0.42 -7.95
C PRO B 206 -0.99 -0.82 -7.04
N GLY B 207 -0.32 -1.90 -7.31
CA GLY B 207 0.87 -2.21 -6.45
C GLY B 207 0.49 -2.45 -5.01
N GLY B 208 1.27 -1.90 -4.08
CA GLY B 208 1.08 -2.12 -2.66
C GLY B 208 2.41 -2.14 -1.92
N HIS B 209 2.36 -2.19 -0.60
CA HIS B 209 3.56 -2.41 0.22
C HIS B 209 3.17 -2.90 1.57
N TYR B 210 4.16 -3.46 2.28
CA TYR B 210 4.02 -3.84 3.64
C TYR B 210 4.35 -2.68 4.54
N THR B 211 3.43 -2.33 5.46
CA THR B 211 3.83 -1.50 6.58
C THR B 211 4.78 -2.27 7.42
N LYS B 212 5.43 -1.59 8.39
CA LYS B 212 6.28 -2.34 9.27
C LYS B 212 5.54 -3.43 10.04
N ALA B 213 4.35 -3.13 10.51
CA ALA B 213 3.52 -4.12 11.18
C ALA B 213 3.17 -5.31 10.27
N ASP B 214 2.89 -5.00 9.03
CA ASP B 214 2.59 -6.05 8.05
C ASP B 214 3.77 -7.02 7.93
N TYR B 215 4.95 -6.43 7.77
CA TYR B 215 6.12 -7.23 7.55
C TYR B 215 6.44 -8.03 8.78
N GLU B 216 6.24 -7.44 9.96
CA GLU B 216 6.46 -8.16 11.13
C GLU B 216 5.50 -9.39 11.25
N GLU B 217 4.30 -9.22 10.78
CA GLU B 217 3.31 -10.32 10.79
C GLU B 217 3.73 -11.46 9.88
N ILE B 218 4.23 -11.11 8.71
CA ILE B 218 4.82 -12.11 7.78
C ILE B 218 5.96 -12.83 8.47
N VAL B 219 6.91 -12.11 9.10
CA VAL B 219 8.01 -12.76 9.74
C VAL B 219 7.53 -13.73 10.87
N ARG B 220 6.56 -13.26 11.65
CA ARG B 220 6.05 -14.09 12.78
C ARG B 220 5.34 -15.32 12.27
N TYR B 221 4.56 -15.18 11.20
CA TYR B 221 3.83 -16.32 10.64
C TYR B 221 4.82 -17.32 10.04
N ALA B 222 5.79 -16.81 9.32
CA ALA B 222 6.86 -17.63 8.79
C ALA B 222 7.56 -18.41 9.86
N ALA B 223 7.94 -17.72 10.93
CA ALA B 223 8.61 -18.39 12.02
C ALA B 223 7.78 -19.51 12.67
N SER B 224 6.47 -19.33 12.77
CA SER B 224 5.60 -20.34 13.33
C SER B 224 5.51 -21.55 12.39
N ARG B 225 5.90 -21.40 11.12
CA ARG B 225 6.03 -22.53 10.21
C ARG B 225 7.51 -22.87 9.99
N HIS B 226 8.39 -22.43 10.89
CA HIS B 226 9.80 -22.79 10.76
C HIS B 226 10.51 -22.39 9.49
N LEU B 227 10.16 -21.20 9.03
CA LEU B 227 10.78 -20.51 7.91
C LEU B 227 11.48 -19.24 8.41
N GLU B 228 12.78 -19.20 8.16
CA GLU B 228 13.59 -18.02 8.41
C GLU B 228 13.46 -17.07 7.20
N VAL B 229 12.97 -15.86 7.44
CA VAL B 229 12.79 -14.90 6.37
C VAL B 229 14.11 -14.25 5.96
N VAL B 230 14.40 -14.34 4.66
CA VAL B 230 15.61 -13.75 4.03
C VAL B 230 15.18 -12.65 3.09
N PRO B 231 15.21 -11.38 3.54
CA PRO B 231 14.76 -10.28 2.68
C PRO B 231 15.85 -9.86 1.75
N GLU B 232 15.44 -9.44 0.57
CA GLU B 232 16.37 -8.95 -0.44
C GLU B 232 16.00 -7.55 -0.87
N ILE B 233 17.01 -6.65 -0.82
CA ILE B 233 16.95 -5.35 -1.45
C ILE B 233 18.00 -5.41 -2.55
N ASP B 234 17.53 -5.54 -3.77
CA ASP B 234 18.39 -5.83 -4.91
C ASP B 234 19.14 -4.51 -5.25
N MET B 235 20.44 -4.64 -5.38
CA MET B 235 21.28 -3.50 -5.71
C MET B 235 22.62 -3.98 -6.32
N PRO B 236 23.27 -3.08 -7.08
CA PRO B 236 22.93 -1.70 -7.39
C PRO B 236 21.98 -1.60 -8.56
N GLY B 237 21.78 -2.69 -9.26
CA GLY B 237 20.80 -2.78 -10.35
C GLY B 237 19.39 -3.12 -9.84
N HIS B 238 18.40 -3.06 -10.70
CA HIS B 238 17.04 -3.41 -10.40
C HIS B 238 16.49 -2.48 -9.28
N THR B 239 16.87 -1.21 -9.38
CA THR B 239 16.60 -0.22 -8.36
C THR B 239 15.71 0.96 -8.84
N ASN B 240 15.01 0.80 -9.96
CA ASN B 240 14.19 1.92 -10.47
C ASN B 240 13.14 2.43 -9.47
N ALA B 241 12.49 1.53 -8.67
CA ALA B 241 11.52 2.07 -7.78
C ALA B 241 12.13 3.07 -6.76
N ALA B 242 13.32 2.76 -6.24
CA ALA B 242 14.00 3.64 -5.31
C ALA B 242 14.44 4.95 -6.04
N LEU B 243 15.03 4.78 -7.21
CA LEU B 243 15.56 5.92 -8.00
C LEU B 243 14.39 6.90 -8.37
N ALA B 244 13.23 6.34 -8.70
CA ALA B 244 12.05 7.12 -9.02
C ALA B 244 11.50 7.91 -7.85
N SER B 245 11.79 7.45 -6.62
CA SER B 245 11.31 8.05 -5.46
C SER B 245 12.18 9.20 -4.97
N TYR B 246 13.50 9.12 -5.21
CA TYR B 246 14.45 10.06 -4.71
C TYR B 246 15.39 10.50 -5.84
N ALA B 247 15.16 11.72 -6.32
CA ALA B 247 16.02 12.31 -7.37
C ALA B 247 17.48 12.29 -7.01
N GLU B 248 17.84 12.57 -5.78
CA GLU B 248 19.26 12.62 -5.39
C GLU B 248 20.03 11.29 -5.51
N LEU B 249 19.32 10.15 -5.57
CA LEU B 249 19.95 8.83 -5.73
C LEU B 249 20.46 8.58 -7.14
N ASN B 250 20.02 9.41 -8.07
CA ASN B 250 20.31 9.23 -9.49
C ASN B 250 21.59 9.94 -9.87
N CYS B 251 22.41 9.34 -10.72
CA CYS B 251 23.64 10.08 -11.07
C CYS B 251 23.41 11.47 -11.67
N ASP B 252 22.40 11.59 -12.51
CA ASP B 252 22.05 12.86 -13.11
C ASP B 252 21.14 13.72 -12.23
N GLY B 253 20.89 13.28 -11.01
CA GLY B 253 20.06 14.01 -10.06
C GLY B 253 18.63 14.20 -10.48
N VAL B 254 18.19 13.45 -11.46
CA VAL B 254 16.80 13.50 -11.87
C VAL B 254 16.10 12.16 -11.66
N ALA B 255 14.94 12.18 -10.97
CA ALA B 255 14.16 10.90 -10.77
C ALA B 255 13.48 10.42 -12.02
N PRO B 256 13.72 9.18 -12.42
CA PRO B 256 12.99 8.64 -13.56
C PRO B 256 11.58 8.37 -13.17
N PRO B 257 10.71 8.11 -14.17
CA PRO B 257 9.34 7.69 -13.88
C PRO B 257 9.35 6.30 -13.27
N LEU B 258 8.27 5.99 -12.59
CA LEU B 258 8.01 4.64 -12.13
C LEU B 258 7.88 3.77 -13.34
N TYR B 259 8.27 2.49 -13.20
CA TYR B 259 8.34 1.58 -14.35
C TYR B 259 7.35 0.50 -14.19
N THR B 260 6.57 0.23 -15.24
CA THR B 260 5.59 -0.81 -15.22
C THR B 260 5.81 -1.87 -16.30
N GLY B 261 6.94 -1.80 -16.97
CA GLY B 261 7.25 -2.81 -17.96
C GLY B 261 8.08 -3.96 -17.43
N THR B 262 8.68 -4.69 -18.37
CA THR B 262 9.42 -5.92 -18.00
C THR B 262 10.84 -5.99 -18.48
N LYS B 263 11.36 -4.89 -19.03
CA LYS B 263 12.77 -4.88 -19.41
C LYS B 263 13.61 -4.87 -18.15
N VAL B 264 14.87 -5.30 -18.30
CA VAL B 264 15.79 -5.46 -17.19
C VAL B 264 17.13 -4.90 -17.63
N GLY B 265 17.96 -4.59 -16.67
CA GLY B 265 19.30 -4.12 -16.93
C GLY B 265 19.49 -2.64 -17.17
N PHE B 266 18.45 -1.82 -17.07
CA PHE B 266 18.63 -0.36 -17.35
C PHE B 266 18.97 0.55 -16.16
N SER B 267 18.64 0.11 -14.92
CA SER B 267 18.73 0.97 -13.76
C SER B 267 19.98 0.73 -12.96
N THR B 268 20.46 1.78 -12.31
CA THR B 268 21.54 1.65 -11.40
C THR B 268 21.53 2.76 -10.37
N LEU B 269 21.88 2.37 -9.13
CA LEU B 269 22.21 3.36 -8.14
C LEU B 269 23.50 4.03 -8.57
N CYS B 270 23.80 5.18 -7.93
CA CYS B 270 25.00 5.99 -8.29
C CYS B 270 26.15 5.66 -7.40
N VAL B 271 27.08 4.90 -7.95
CA VAL B 271 28.08 4.29 -7.19
C VAL B 271 29.01 5.31 -6.61
N ASP B 272 29.31 6.37 -7.36
CA ASP B 272 30.28 7.37 -6.83
C ASP B 272 29.68 8.54 -6.03
N LYS B 273 28.43 8.45 -5.60
CA LYS B 273 27.83 9.50 -4.75
C LYS B 273 27.76 8.99 -3.33
N ASP B 274 28.28 9.74 -2.38
CA ASP B 274 28.18 9.27 -1.03
C ASP B 274 26.72 9.12 -0.54
N VAL B 275 25.80 9.91 -1.01
CA VAL B 275 24.45 9.81 -0.45
C VAL B 275 23.84 8.41 -0.78
N THR B 276 24.32 7.77 -1.84
CA THR B 276 23.92 6.39 -2.12
C THR B 276 24.05 5.55 -0.87
N TYR B 277 25.17 5.67 -0.16
CA TYR B 277 25.47 4.82 0.96
C TYR B 277 24.75 5.25 2.23
N ASP B 278 24.34 6.53 2.35
CA ASP B 278 23.42 6.91 3.39
C ASP B 278 22.12 6.12 3.22
N PHE B 279 21.63 6.06 1.99
CA PHE B 279 20.42 5.32 1.64
C PHE B 279 20.55 3.85 1.95
N VAL B 280 21.59 3.19 1.42
CA VAL B 280 21.79 1.76 1.71
C VAL B 280 21.90 1.48 3.20
N ASP B 281 22.66 2.30 3.91
CA ASP B 281 22.79 2.16 5.32
C ASP B 281 21.48 2.26 6.05
N ASP B 282 20.70 3.26 5.70
CA ASP B 282 19.44 3.44 6.44
C ASP B 282 18.48 2.21 6.20
N VAL B 283 18.42 1.82 4.94
CA VAL B 283 17.51 0.75 4.50
C VAL B 283 17.91 -0.57 5.16
N LEU B 284 19.19 -0.91 5.09
CA LEU B 284 19.64 -2.17 5.66
C LEU B 284 19.56 -2.14 7.17
N GLY B 285 19.75 -0.96 7.81
CA GLY B 285 19.54 -0.87 9.25
C GLY B 285 18.07 -1.11 9.69
N GLU B 286 17.16 -0.49 8.96
CA GLU B 286 15.75 -0.64 9.30
C GLU B 286 15.31 -2.11 9.00
N LEU B 287 15.79 -2.68 7.88
CA LEU B 287 15.46 -4.05 7.51
C LEU B 287 16.05 -5.03 8.50
N ALA B 288 17.29 -4.82 8.90
CA ALA B 288 17.90 -5.67 9.92
C ALA B 288 17.12 -5.66 11.24
N ALA B 289 16.55 -4.52 11.60
CA ALA B 289 15.80 -4.45 12.87
C ALA B 289 14.50 -5.23 12.79
N LEU B 290 14.06 -5.45 11.56
CA LEU B 290 12.81 -6.30 11.29
C LEU B 290 13.07 -7.73 10.99
N THR B 291 14.35 -8.11 10.94
CA THR B 291 14.82 -9.38 10.46
C THR B 291 15.51 -10.17 11.55
N PRO B 292 14.77 -11.06 12.25
CA PRO B 292 15.42 -11.85 13.33
C PRO B 292 16.29 -12.92 12.71
N GLY B 293 16.17 -13.20 11.42
CA GLY B 293 17.01 -14.19 10.80
C GLY B 293 18.42 -13.70 10.62
N ARG B 294 19.29 -14.57 10.14
CA ARG B 294 20.73 -14.33 10.12
C ARG B 294 21.22 -13.57 8.93
N TYR B 295 20.40 -13.51 7.87
CA TYR B 295 20.82 -13.08 6.57
C TYR B 295 20.12 -11.83 6.02
N LEU B 296 20.87 -11.09 5.27
CA LEU B 296 20.35 -10.05 4.38
C LEU B 296 20.87 -10.26 2.96
N HIS B 297 19.94 -10.34 1.99
CA HIS B 297 20.31 -10.60 0.63
C HIS B 297 20.41 -9.22 -0.03
N ILE B 298 21.57 -8.89 -0.58
CA ILE B 298 21.76 -7.60 -1.26
C ILE B 298 21.75 -7.62 -2.76
N GLY B 299 21.34 -8.74 -3.36
N GLY B 299 21.33 -8.75 -3.33
CA GLY B 299 21.08 -8.79 -4.75
CA GLY B 299 20.99 -8.84 -4.72
C GLY B 299 22.40 -8.96 -5.49
C GLY B 299 22.29 -8.85 -5.50
N GLY B 300 22.81 -7.91 -6.19
N GLY B 300 22.26 -8.21 -6.66
CA GLY B 300 24.00 -7.99 -7.03
CA GLY B 300 23.47 -8.00 -7.47
C GLY B 300 23.69 -7.97 -8.51
C GLY B 300 23.34 -8.46 -8.91
N ASP B 301 22.39 -7.80 -8.85
N ASP B 301 22.15 -8.95 -9.25
CA ASP B 301 22.04 -7.45 -10.24
CA ASP B 301 21.93 -9.43 -10.61
C ASP B 301 22.67 -6.09 -10.59
C ASP B 301 21.73 -8.30 -11.63
N GLU B 302 23.06 -5.95 -11.86
N GLU B 302 22.20 -8.52 -12.86
CA GLU B 302 23.77 -4.78 -12.39
CA GLU B 302 21.76 -7.77 -14.02
C GLU B 302 22.96 -4.12 -13.50
C GLU B 302 21.91 -6.28 -13.90
N ALA B 303 23.42 -2.97 -13.97
N ALA B 303 23.09 -5.89 -13.43
CA ALA B 303 22.93 -2.39 -15.18
CA ALA B 303 23.43 -4.48 -13.16
C ALA B 303 23.83 -2.86 -16.35
C ALA B 303 24.18 -4.02 -14.40
N HIS B 304 23.35 -2.76 -17.60
N HIS B 304 23.50 -4.18 -15.51
CA HIS B 304 24.20 -3.01 -18.80
CA HIS B 304 24.15 -4.04 -16.81
C HIS B 304 25.46 -2.09 -18.85
C HIS B 304 24.36 -2.58 -17.21
N SER B 305 25.25 -0.83 -18.51
N SER B 305 24.00 -1.66 -16.31
CA SER B 305 26.30 0.19 -18.50
CA SER B 305 24.24 -0.22 -16.50
C SER B 305 27.32 0.01 -17.39
C SER B 305 25.19 0.37 -15.41
N THR B 306 27.06 -0.89 -16.42
N THR B 306 25.81 -0.53 -14.66
CA THR B 306 27.87 -0.99 -15.19
CA THR B 306 26.81 -0.22 -13.64
C THR B 306 29.30 -1.52 -15.44
C THR B 306 28.13 -0.90 -14.05
N PRO B 307 30.32 -0.67 -15.30
N PRO B 307 29.20 -0.13 -14.33
CA PRO B 307 31.67 -1.20 -15.41
CA PRO B 307 30.51 -0.65 -14.79
C PRO B 307 31.94 -2.08 -14.22
C PRO B 307 31.17 -1.67 -13.88
N GLN B 308 32.70 -3.14 -14.42
N GLN B 308 32.05 -2.51 -14.42
CA GLN B 308 32.97 -4.07 -13.33
CA GLN B 308 32.59 -3.63 -13.61
C GLN B 308 33.54 -3.30 -12.19
C GLN B 308 33.43 -3.24 -12.36
N ALA B 309 34.36 -2.29 -12.50
CA ALA B 309 35.05 -1.71 -11.40
C ALA B 309 34.06 -0.93 -10.45
N ASP B 310 33.01 -0.35 -11.00
CA ASP B 310 32.03 0.38 -10.15
C ASP B 310 31.23 -0.68 -9.32
N PHE B 311 30.84 -1.78 -10.00
CA PHE B 311 30.22 -2.92 -9.31
C PHE B 311 31.08 -3.38 -8.18
N VAL B 312 32.38 -3.52 -8.40
CA VAL B 312 33.25 -4.00 -7.35
C VAL B 312 33.34 -3.02 -6.20
N ALA B 313 33.44 -1.76 -6.54
CA ALA B 313 33.56 -0.72 -5.51
C ALA B 313 32.29 -0.60 -4.64
N PHE B 314 31.16 -0.73 -5.32
CA PHE B 314 29.81 -0.70 -4.63
C PHE B 314 29.77 -1.82 -3.63
N MET B 315 30.04 -3.05 -4.08
CA MET B 315 29.93 -4.17 -3.16
C MET B 315 30.99 -4.11 -2.09
N LYS B 316 32.16 -3.48 -2.35
CA LYS B 316 33.14 -3.43 -1.27
C LYS B 316 32.69 -2.52 -0.13
N ARG B 317 31.92 -1.49 -0.45
CA ARG B 317 31.40 -0.59 0.54
C ARG B 317 30.10 -1.07 1.18
N VAL B 318 29.30 -1.80 0.42
CA VAL B 318 27.99 -2.25 0.98
C VAL B 318 28.06 -3.51 1.85
N GLN B 319 28.88 -4.49 1.50
CA GLN B 319 29.00 -5.68 2.34
C GLN B 319 29.25 -5.39 3.81
N PRO B 320 30.12 -4.42 4.14
CA PRO B 320 30.33 -4.14 5.55
C PRO B 320 29.14 -3.54 6.26
N ILE B 321 28.21 -2.96 5.50
CA ILE B 321 26.98 -2.42 6.11
C ILE B 321 26.20 -3.59 6.72
N VAL B 322 26.18 -4.72 6.01
CA VAL B 322 25.45 -5.89 6.49
C VAL B 322 26.02 -6.39 7.81
N ALA B 323 27.36 -6.45 7.87
CA ALA B 323 28.02 -6.79 9.11
C ALA B 323 27.79 -5.77 10.23
N LYS B 324 27.77 -4.48 9.94
CA LYS B 324 27.51 -3.46 10.92
C LYS B 324 26.21 -3.75 11.63
N TYR B 325 25.23 -4.32 10.94
CA TYR B 325 23.93 -4.61 11.56
C TYR B 325 23.77 -6.05 12.05
N GLY B 326 24.88 -6.77 12.15
CA GLY B 326 24.96 -8.08 12.70
C GLY B 326 24.42 -9.22 11.83
N LYS B 327 24.40 -9.03 10.53
CA LYS B 327 23.87 -10.06 9.64
C LYS B 327 24.92 -10.57 8.67
N THR B 328 24.60 -11.65 7.97
CA THR B 328 25.38 -12.30 6.99
C THR B 328 24.92 -11.93 5.62
N VAL B 329 25.88 -11.66 4.74
CA VAL B 329 25.60 -11.31 3.37
C VAL B 329 25.16 -12.47 2.48
N VAL B 330 24.13 -12.29 1.66
CA VAL B 330 23.86 -13.18 0.57
C VAL B 330 23.73 -12.31 -0.66
N GLY B 331 24.21 -12.80 -1.82
CA GLY B 331 23.98 -12.13 -3.08
C GLY B 331 23.86 -13.04 -4.25
N TRP B 332 23.31 -12.57 -5.38
CA TRP B 332 23.31 -13.34 -6.60
C TRP B 332 24.80 -13.53 -7.02
N HIS B 333 25.06 -14.50 -7.90
CA HIS B 333 26.45 -14.97 -8.12
C HIS B 333 27.34 -13.93 -8.86
N GLN B 334 26.77 -12.82 -9.33
CA GLN B 334 27.58 -11.67 -9.82
C GLN B 334 28.50 -11.27 -8.70
N LEU B 335 28.05 -11.45 -7.46
CA LEU B 335 28.88 -11.06 -6.33
C LEU B 335 30.18 -11.85 -6.26
N ALA B 336 30.21 -13.02 -6.88
CA ALA B 336 31.43 -13.88 -6.77
C ALA B 336 32.62 -13.20 -7.47
N GLY B 337 32.35 -12.37 -8.47
CA GLY B 337 33.38 -11.50 -9.11
C GLY B 337 33.71 -10.19 -8.43
N ALA B 338 33.25 -9.99 -7.21
CA ALA B 338 33.39 -8.72 -6.54
C ALA B 338 33.81 -8.85 -5.13
N GLU B 339 34.72 -9.78 -4.89
CA GLU B 339 35.31 -9.89 -3.56
C GLU B 339 34.26 -10.14 -2.43
N PRO B 340 33.57 -11.29 -2.52
CA PRO B 340 32.75 -11.60 -1.39
C PRO B 340 33.47 -11.60 -0.10
N VAL B 341 32.86 -11.04 0.92
CA VAL B 341 33.43 -11.06 2.28
C VAL B 341 33.38 -12.42 2.93
N GLU B 342 34.12 -12.58 4.00
CA GLU B 342 34.21 -13.89 4.63
C GLU B 342 32.81 -14.16 5.17
N GLY B 343 32.28 -15.33 4.86
CA GLY B 343 31.01 -15.73 5.40
C GLY B 343 29.83 -15.36 4.47
N ALA B 344 30.08 -14.60 3.43
CA ALA B 344 28.98 -14.25 2.48
C ALA B 344 28.64 -15.47 1.69
N LEU B 345 27.38 -15.59 1.32
CA LEU B 345 26.97 -16.67 0.45
C LEU B 345 26.58 -16.15 -0.92
N VAL B 346 26.82 -16.91 -1.96
CA VAL B 346 26.37 -16.54 -3.25
C VAL B 346 25.36 -17.52 -3.85
N GLN B 347 24.38 -16.93 -4.55
CA GLN B 347 23.31 -17.62 -5.14
C GLN B 347 23.48 -17.76 -6.65
N TYR B 348 23.75 -18.99 -7.06
CA TYR B 348 23.98 -19.25 -8.48
C TYR B 348 22.67 -19.47 -9.22
N TRP B 349 22.41 -18.63 -10.21
CA TRP B 349 21.22 -18.67 -10.99
C TRP B 349 21.47 -18.95 -12.50
N GLY B 350 22.70 -19.28 -12.83
CA GLY B 350 23.02 -19.58 -14.23
C GLY B 350 22.37 -20.85 -14.78
N LEU B 351 22.68 -21.12 -16.04
CA LEU B 351 22.01 -22.14 -16.77
C LEU B 351 23.07 -22.77 -17.72
N ASP B 352 22.69 -23.82 -18.41
CA ASP B 352 23.66 -24.61 -19.17
C ASP B 352 24.44 -23.67 -20.09
N ARG B 353 23.75 -22.76 -20.76
CA ARG B 353 24.48 -21.85 -21.68
C ARG B 353 25.31 -20.72 -21.03
N THR B 354 25.29 -20.57 -19.70
CA THR B 354 26.13 -19.56 -19.03
C THR B 354 27.55 -19.84 -19.44
N SER B 355 28.33 -18.79 -19.65
CA SER B 355 29.66 -18.96 -20.20
C SER B 355 30.54 -19.76 -19.27
N ASP B 356 31.47 -20.50 -19.83
CA ASP B 356 32.40 -21.22 -18.99
C ASP B 356 33.14 -20.37 -18.02
N ALA B 357 33.52 -19.17 -18.44
CA ALA B 357 34.31 -18.31 -17.57
C ALA B 357 33.48 -17.85 -16.35
N GLU B 358 32.20 -17.58 -16.61
CA GLU B 358 31.28 -17.12 -15.50
C GLU B 358 31.12 -18.24 -14.46
N LYS B 359 30.82 -19.42 -14.98
CA LYS B 359 30.82 -20.64 -14.19
C LYS B 359 32.07 -20.80 -13.37
N ALA B 360 33.24 -20.56 -14.00
CA ALA B 360 34.53 -20.70 -13.26
C ALA B 360 34.74 -19.69 -12.20
N GLN B 361 34.23 -18.49 -12.43
CA GLN B 361 34.40 -17.44 -11.44
C GLN B 361 33.66 -17.83 -10.13
N VAL B 362 32.47 -18.40 -10.33
CA VAL B 362 31.65 -18.84 -9.19
C VAL B 362 32.36 -20.00 -8.46
N ALA B 363 32.85 -20.96 -9.25
CA ALA B 363 33.61 -22.12 -8.71
C ALA B 363 34.83 -21.66 -7.92
N ALA B 364 35.49 -20.63 -8.43
CA ALA B 364 36.72 -20.16 -7.76
C ALA B 364 36.42 -19.61 -6.43
N ALA B 365 35.33 -18.85 -6.33
CA ALA B 365 34.93 -18.37 -5.01
C ALA B 365 34.57 -19.51 -4.07
N ALA B 366 33.86 -20.50 -4.59
CA ALA B 366 33.50 -21.66 -3.81
C ALA B 366 34.83 -22.31 -3.28
N ARG B 367 35.84 -22.42 -4.14
CA ARG B 367 37.12 -23.02 -3.69
CA ARG B 367 37.15 -22.99 -3.70
C ARG B 367 37.79 -22.19 -2.60
N ASN B 368 37.62 -20.88 -2.68
CA ASN B 368 38.08 -19.98 -1.68
C ASN B 368 37.22 -19.94 -0.44
N GLY B 369 36.20 -20.81 -0.34
CA GLY B 369 35.38 -20.89 0.87
C GLY B 369 34.03 -20.12 0.91
N THR B 370 33.64 -19.52 -0.21
CA THR B 370 32.33 -18.83 -0.32
C THR B 370 31.22 -19.92 -0.45
N GLY B 371 30.24 -19.94 0.45
CA GLY B 371 29.09 -20.90 0.30
C GLY B 371 28.26 -20.62 -0.91
N LEU B 372 27.71 -21.67 -1.52
CA LEU B 372 26.92 -21.53 -2.72
C LEU B 372 25.49 -21.95 -2.39
N ILE B 373 24.54 -21.22 -2.93
CA ILE B 373 23.12 -21.62 -3.00
C ILE B 373 22.83 -21.84 -4.42
N LEU B 374 22.35 -23.02 -4.77
CA LEU B 374 22.06 -23.32 -6.19
C LEU B 374 20.56 -23.13 -6.53
N SER B 375 20.29 -22.21 -7.43
CA SER B 375 19.01 -22.07 -8.03
C SER B 375 19.12 -21.79 -9.53
N PRO B 376 19.48 -22.82 -10.34
CA PRO B 376 19.72 -22.55 -11.77
C PRO B 376 18.47 -22.17 -12.48
N ALA B 377 18.57 -21.18 -13.36
CA ALA B 377 17.44 -20.68 -14.07
C ALA B 377 16.78 -21.71 -14.95
N ASP B 378 17.53 -22.72 -15.37
CA ASP B 378 16.94 -23.77 -16.18
C ASP B 378 16.67 -25.05 -15.39
N ARG B 379 16.65 -24.93 -14.07
CA ARG B 379 16.21 -26.03 -13.22
C ARG B 379 15.09 -25.65 -12.20
N THR B 380 15.33 -24.59 -11.42
CA THR B 380 14.46 -24.32 -10.26
C THR B 380 13.72 -22.97 -10.30
N TYR B 381 13.90 -22.19 -11.35
CA TYR B 381 13.06 -21.05 -11.62
C TYR B 381 11.64 -21.47 -11.92
N LEU B 382 10.75 -21.20 -10.95
CA LEU B 382 9.40 -21.64 -11.04
C LEU B 382 8.54 -20.85 -11.96
N ASP B 383 9.02 -19.69 -12.44
CA ASP B 383 8.29 -18.92 -13.43
C ASP B 383 8.63 -19.42 -14.84
N MET B 384 9.55 -20.37 -14.98
CA MET B 384 9.89 -20.85 -16.32
C MET B 384 8.83 -21.84 -16.83
N LYS B 385 8.43 -21.58 -18.06
CA LYS B 385 7.42 -22.40 -18.72
CA LYS B 385 7.45 -22.39 -18.79
C LYS B 385 7.82 -23.86 -18.77
N TYR B 386 6.84 -24.73 -18.61
CA TYR B 386 7.07 -26.19 -18.70
C TYR B 386 7.36 -26.60 -20.19
N THR B 387 6.55 -26.03 -21.05
CA THR B 387 6.58 -26.30 -22.49
C THR B 387 6.21 -25.07 -23.24
N LYS B 388 6.35 -25.12 -24.57
CA LYS B 388 5.90 -24.00 -25.34
C LYS B 388 4.44 -23.75 -25.20
N ASP B 389 3.61 -24.66 -24.73
CA ASP B 389 2.17 -24.33 -24.57
C ASP B 389 1.75 -23.73 -23.20
N THR B 390 2.69 -23.61 -22.28
CA THR B 390 2.35 -23.05 -20.98
C THR B 390 1.90 -21.61 -21.14
N PRO B 391 0.74 -21.25 -20.59
CA PRO B 391 0.25 -19.93 -20.88
C PRO B 391 0.89 -18.79 -20.06
N LEU B 392 1.40 -19.06 -18.89
CA LEU B 392 2.06 -18.02 -18.05
C LEU B 392 3.55 -18.30 -18.03
N GLY B 393 4.37 -17.44 -17.41
CA GLY B 393 5.78 -17.70 -17.28
C GLY B 393 6.63 -17.18 -18.40
N LEU B 394 7.88 -17.49 -18.33
CA LEU B 394 8.86 -17.08 -19.30
C LEU B 394 9.58 -18.28 -19.89
N SER B 395 10.42 -18.03 -20.90
CA SER B 395 11.14 -19.14 -21.61
C SER B 395 12.52 -18.78 -21.99
N TRP B 396 13.02 -17.71 -21.40
CA TRP B 396 14.34 -17.27 -21.69
C TRP B 396 15.38 -18.25 -21.31
N ALA B 397 15.11 -19.08 -20.30
CA ALA B 397 16.13 -20.06 -19.94
C ALA B 397 15.79 -21.42 -20.53
N GLY B 398 14.91 -21.48 -21.53
CA GLY B 398 14.47 -22.76 -22.07
C GLY B 398 13.23 -23.17 -21.34
N TYR B 399 12.72 -24.33 -21.69
CA TYR B 399 11.53 -24.89 -21.10
C TYR B 399 12.01 -25.84 -20.02
N VAL B 400 11.26 -25.95 -18.93
CA VAL B 400 11.70 -26.74 -17.76
C VAL B 400 10.55 -27.58 -17.31
N GLU B 401 10.49 -28.82 -17.80
CA GLU B 401 9.50 -29.74 -17.35
C GLU B 401 9.84 -30.27 -15.90
N VAL B 402 8.94 -31.08 -15.40
CA VAL B 402 9.05 -31.59 -14.04
C VAL B 402 10.30 -32.42 -13.86
N ARG B 403 10.63 -33.28 -14.85
CA ARG B 403 11.79 -34.07 -14.70
C ARG B 403 13.04 -33.29 -14.66
N ARG B 404 13.19 -32.34 -15.56
CA ARG B 404 14.37 -31.53 -15.61
C ARG B 404 14.67 -30.77 -14.29
N SER B 405 13.59 -30.27 -13.73
CA SER B 405 13.70 -29.54 -12.45
C SER B 405 14.17 -30.39 -11.30
N TYR B 406 13.76 -31.67 -11.26
CA TYR B 406 14.20 -32.62 -10.28
C TYR B 406 15.54 -33.30 -10.54
N ASP B 407 15.86 -33.58 -11.80
CA ASP B 407 16.79 -34.70 -12.02
C ASP B 407 18.18 -34.23 -12.12
N TRP B 408 18.75 -33.84 -10.99
CA TRP B 408 20.12 -33.34 -10.89
C TRP B 408 20.59 -33.45 -9.50
N ASP B 409 21.89 -33.28 -9.30
CA ASP B 409 22.52 -33.49 -8.00
C ASP B 409 23.27 -32.20 -7.65
N PRO B 410 22.78 -31.46 -6.61
CA PRO B 410 23.45 -30.18 -6.22
C PRO B 410 24.94 -30.35 -5.89
N ALA B 411 25.32 -31.53 -5.41
CA ALA B 411 26.71 -31.81 -5.05
C ALA B 411 27.57 -32.05 -6.26
N ALA B 412 27.00 -32.28 -7.42
CA ALA B 412 27.75 -32.60 -8.65
C ALA B 412 27.14 -31.86 -9.81
N TYR B 413 27.14 -30.54 -9.71
CA TYR B 413 26.39 -29.74 -10.65
C TYR B 413 27.27 -28.66 -11.25
N LEU B 414 27.90 -27.83 -10.44
CA LEU B 414 28.65 -26.73 -11.01
C LEU B 414 30.16 -27.18 -11.10
N PRO B 415 30.71 -27.27 -12.31
CA PRO B 415 32.10 -27.73 -12.50
C PRO B 415 33.10 -26.86 -11.76
N GLY B 416 33.99 -27.52 -11.05
CA GLY B 416 35.03 -26.90 -10.27
C GLY B 416 34.73 -26.54 -8.87
N ALA B 417 33.46 -26.72 -8.46
CA ALA B 417 33.08 -26.30 -7.15
C ALA B 417 33.11 -27.54 -6.30
N PRO B 418 33.73 -27.47 -5.12
CA PRO B 418 33.70 -28.60 -4.25
C PRO B 418 32.33 -28.82 -3.65
N ALA B 419 32.00 -30.06 -3.36
CA ALA B 419 30.69 -30.45 -2.86
C ALA B 419 30.36 -29.72 -1.62
N GLU B 420 31.29 -29.62 -0.70
CA GLU B 420 30.96 -29.02 0.54
C GLU B 420 30.82 -27.50 0.52
N ALA B 421 31.10 -26.86 -0.60
CA ALA B 421 30.82 -25.42 -0.75
C ALA B 421 29.28 -25.26 -0.90
N VAL B 422 28.59 -26.30 -1.35
CA VAL B 422 27.15 -26.17 -1.65
C VAL B 422 26.38 -26.22 -0.33
N ARG B 423 25.74 -25.08 0.01
CA ARG B 423 24.98 -25.00 1.26
C ARG B 423 23.49 -25.47 1.07
N GLY B 424 23.02 -25.44 -0.16
CA GLY B 424 21.68 -25.90 -0.50
C GLY B 424 21.17 -25.34 -1.78
N VAL B 425 19.83 -25.22 -1.84
CA VAL B 425 19.12 -24.92 -3.05
C VAL B 425 17.96 -23.98 -2.77
N GLU B 426 17.51 -23.31 -3.81
CA GLU B 426 16.36 -22.40 -3.71
C GLU B 426 15.49 -22.62 -4.95
N ALA B 427 14.18 -22.47 -4.81
CA ALA B 427 13.22 -22.43 -5.93
C ALA B 427 12.59 -21.05 -6.00
N PRO B 428 13.08 -20.17 -6.88
CA PRO B 428 12.56 -18.80 -6.92
C PRO B 428 11.33 -18.72 -7.81
N LEU B 429 10.30 -18.03 -7.34
CA LEU B 429 9.07 -17.77 -8.08
C LEU B 429 8.96 -16.31 -8.45
N TRP B 430 9.37 -15.95 -9.68
CA TRP B 430 9.38 -14.60 -10.19
C TRP B 430 7.99 -14.29 -10.74
N THR B 431 7.58 -13.04 -10.60
CA THR B 431 6.21 -12.69 -10.89
C THR B 431 5.97 -11.63 -12.00
N GLU B 432 6.88 -11.46 -12.93
CA GLU B 432 6.54 -10.64 -14.12
C GLU B 432 5.21 -11.00 -14.74
N THR B 433 4.85 -12.28 -14.72
CA THR B 433 3.68 -12.81 -15.48
C THR B 433 2.57 -13.29 -14.63
N LEU B 434 2.75 -13.20 -13.31
CA LEU B 434 1.84 -13.87 -12.39
C LEU B 434 1.22 -12.88 -11.41
N SER B 435 -0.10 -12.87 -11.22
CA SER B 435 -0.69 -11.81 -10.42
C SER B 435 -1.74 -12.25 -9.48
N ASP B 436 -2.01 -13.53 -9.40
CA ASP B 436 -2.86 -14.02 -8.37
C ASP B 436 -2.43 -15.39 -7.85
N PRO B 437 -2.99 -15.81 -6.72
CA PRO B 437 -2.48 -16.98 -6.01
C PRO B 437 -2.68 -18.26 -6.80
N ASP B 438 -3.77 -18.36 -7.53
CA ASP B 438 -3.92 -19.57 -8.43
C ASP B 438 -2.86 -19.67 -9.55
N GLN B 439 -2.43 -18.56 -10.09
CA GLN B 439 -1.34 -18.51 -11.02
C GLN B 439 -0.01 -18.88 -10.34
N LEU B 440 0.20 -18.39 -9.12
CA LEU B 440 1.41 -18.84 -8.35
C LEU B 440 1.38 -20.39 -8.19
N ASP B 441 0.25 -20.93 -7.82
CA ASP B 441 0.13 -22.38 -7.61
C ASP B 441 0.46 -23.19 -8.86
N PHE B 442 -0.11 -22.77 -9.99
CA PHE B 442 0.07 -23.46 -11.25
C PHE B 442 1.55 -23.49 -11.68
N MET B 443 2.31 -22.43 -11.40
CA MET B 443 3.69 -22.42 -11.73
C MET B 443 4.58 -23.07 -10.67
N ALA B 444 4.18 -22.99 -9.40
CA ALA B 444 4.98 -23.58 -8.32
C ALA B 444 4.80 -25.09 -8.23
N PHE B 445 3.62 -25.64 -8.56
CA PHE B 445 3.34 -27.06 -8.40
C PHE B 445 3.18 -27.63 -9.79
N PRO B 446 3.87 -28.75 -10.07
CA PRO B 446 4.44 -29.67 -9.09
C PRO B 446 5.94 -29.69 -8.94
N ARG B 447 6.65 -28.65 -9.34
CA ARG B 447 8.07 -28.64 -9.24
C ARG B 447 8.57 -28.28 -7.79
N LEU B 448 7.77 -27.52 -7.05
CA LEU B 448 8.16 -27.06 -5.69
C LEU B 448 8.62 -28.23 -4.78
N PRO B 449 7.87 -29.34 -4.74
CA PRO B 449 8.34 -30.41 -3.90
C PRO B 449 9.64 -31.04 -4.31
N GLY B 450 9.91 -31.05 -5.61
CA GLY B 450 11.16 -31.66 -6.04
C GLY B 450 12.38 -30.91 -5.58
N VAL B 451 12.31 -29.59 -5.59
CA VAL B 451 13.44 -28.79 -5.11
C VAL B 451 13.62 -28.98 -3.63
N ALA B 452 12.51 -29.10 -2.93
CA ALA B 452 12.58 -29.41 -1.51
C ALA B 452 13.28 -30.74 -1.26
N GLU B 453 12.98 -31.75 -2.08
CA GLU B 453 13.66 -33.07 -1.96
C GLU B 453 15.15 -32.92 -2.22
N LEU B 454 15.54 -32.10 -3.18
CA LEU B 454 16.96 -31.90 -3.47
C LEU B 454 17.62 -31.29 -2.29
N GLY B 455 16.92 -30.37 -1.59
CA GLY B 455 17.51 -29.82 -0.40
C GLY B 455 17.58 -30.74 0.80
N TRP B 456 16.59 -31.63 0.92
CA TRP B 456 16.49 -32.46 2.09
C TRP B 456 17.04 -33.88 2.02
N SER B 457 16.66 -34.59 0.98
CA SER B 457 16.81 -36.04 0.97
C SER B 457 18.27 -36.44 0.68
N PRO B 458 18.67 -37.64 1.17
CA PRO B 458 19.98 -38.11 0.74
C PRO B 458 20.10 -38.39 -0.73
N ALA B 459 21.29 -38.17 -1.26
CA ALA B 459 21.56 -38.49 -2.65
C ALA B 459 21.19 -39.92 -3.02
N SER B 460 21.26 -40.82 -2.06
CA SER B 460 21.00 -42.23 -2.31
C SER B 460 19.54 -42.52 -2.59
N THR B 461 18.62 -41.58 -2.29
CA THR B 461 17.18 -41.75 -2.50
C THR B 461 16.76 -41.13 -3.83
N HIS B 462 17.68 -40.46 -4.51
CA HIS B 462 17.32 -39.73 -5.70
C HIS B 462 17.11 -40.63 -6.93
N ASP B 463 15.94 -40.57 -7.52
CA ASP B 463 15.62 -41.40 -8.72
C ASP B 463 14.32 -40.93 -9.34
N TRP B 464 14.36 -40.39 -10.56
CA TRP B 464 13.18 -39.90 -11.21
C TRP B 464 12.08 -40.94 -11.27
N ASP B 465 12.38 -42.18 -11.69
CA ASP B 465 11.28 -43.14 -11.84
C ASP B 465 10.55 -43.56 -10.59
N THR B 466 11.19 -43.56 -9.41
CA THR B 466 10.46 -43.80 -8.17
C THR B 466 9.94 -42.47 -7.58
N TYR B 467 10.67 -41.40 -7.78
CA TYR B 467 10.17 -40.06 -7.34
C TYR B 467 8.84 -39.70 -7.95
N LYS B 468 8.70 -39.89 -9.27
CA LYS B 468 7.47 -39.49 -9.94
C LYS B 468 6.25 -40.17 -9.44
N VAL B 469 6.38 -41.37 -8.85
CA VAL B 469 5.26 -42.06 -8.24
C VAL B 469 4.90 -41.40 -6.91
N ARG B 470 5.90 -41.03 -6.12
CA ARG B 470 5.62 -40.22 -4.89
C ARG B 470 4.96 -38.87 -5.23
N LEU B 471 5.39 -38.20 -6.32
CA LEU B 471 4.81 -36.97 -6.69
C LEU B 471 3.38 -37.13 -7.13
N ALA B 472 3.11 -38.18 -7.94
CA ALA B 472 1.73 -38.47 -8.32
C ALA B 472 0.82 -38.61 -7.11
N GLY B 473 1.34 -39.22 -6.08
CA GLY B 473 0.63 -39.45 -4.84
C GLY B 473 0.27 -38.19 -4.08
N GLN B 474 0.85 -37.03 -4.42
CA GLN B 474 0.49 -35.80 -3.74
C GLN B 474 -0.81 -35.22 -4.27
N ALA B 475 -1.16 -35.57 -5.49
CA ALA B 475 -2.23 -34.92 -6.17
C ALA B 475 -3.58 -34.97 -5.43
N PRO B 476 -3.99 -36.14 -4.92
CA PRO B 476 -5.27 -36.11 -4.20
C PRO B 476 -5.21 -35.20 -2.97
N HIS B 477 -4.03 -35.04 -2.36
CA HIS B 477 -3.85 -34.06 -1.26
C HIS B 477 -3.99 -32.65 -1.74
N TRP B 478 -3.36 -32.34 -2.85
CA TRP B 478 -3.49 -31.00 -3.45
C TRP B 478 -4.93 -30.65 -3.79
N GLU B 479 -5.62 -31.61 -4.33
CA GLU B 479 -7.02 -31.46 -4.67
C GLU B 479 -7.86 -31.18 -3.44
N ALA B 480 -7.68 -31.93 -2.38
CA ALA B 480 -8.39 -31.66 -1.15
C ALA B 480 -8.03 -30.34 -0.55
N MET B 481 -6.81 -29.88 -0.78
CA MET B 481 -6.34 -28.62 -0.22
C MET B 481 -6.66 -27.43 -1.07
N GLY B 482 -7.10 -27.65 -2.28
CA GLY B 482 -7.41 -26.55 -3.19
C GLY B 482 -6.19 -25.96 -3.90
N ILE B 483 -5.13 -26.75 -4.07
CA ILE B 483 -3.91 -26.27 -4.72
C ILE B 483 -3.99 -26.62 -6.22
N ASP B 484 -3.99 -25.60 -7.07
CA ASP B 484 -3.90 -25.83 -8.49
C ASP B 484 -2.45 -26.26 -8.85
N TYR B 485 -2.33 -27.13 -9.85
CA TYR B 485 -1.01 -27.58 -10.26
C TYR B 485 -1.03 -28.00 -11.75
N TYR B 486 0.13 -28.07 -12.35
CA TYR B 486 0.29 -28.47 -13.75
C TYR B 486 0.36 -29.97 -13.83
N ARG B 487 -0.61 -30.52 -14.58
CA ARG B 487 -0.68 -31.99 -14.69
C ARG B 487 0.27 -32.53 -15.70
N SER B 488 1.55 -32.42 -15.43
CA SER B 488 2.56 -32.80 -16.38
C SER B 488 2.28 -34.19 -16.96
N PRO B 489 2.47 -34.36 -18.28
CA PRO B 489 2.40 -35.76 -18.86
C PRO B 489 3.57 -36.64 -18.44
N GLN B 490 4.66 -36.06 -17.90
CA GLN B 490 5.74 -36.85 -17.38
C GLN B 490 5.43 -37.58 -16.07
N VAL B 491 4.36 -37.21 -15.39
CA VAL B 491 4.04 -37.79 -14.11
C VAL B 491 2.84 -38.69 -14.22
N PRO B 492 2.89 -39.86 -13.60
CA PRO B 492 1.77 -40.85 -13.62
C PRO B 492 0.63 -40.62 -12.66
N TRP B 493 -0.07 -39.54 -12.90
CA TRP B 493 -1.14 -39.14 -12.02
C TRP B 493 -2.21 -40.25 -12.11
N THR B 494 -2.81 -40.57 -11.00
CA THR B 494 -3.95 -41.46 -10.97
C THR B 494 -5.22 -40.62 -11.02
C1 EDO C . -17.52 13.65 11.66
O1 EDO C . -18.57 14.15 12.44
C2 EDO C . -18.04 12.31 11.19
O2 EDO C . -16.92 11.52 10.76
C1 EDO D . -12.75 8.84 10.16
O1 EDO D . -13.42 8.44 8.94
C2 EDO D . -13.41 9.85 11.10
O2 EDO D . -12.35 10.35 12.01
C1 EDO E . -11.64 33.84 -1.38
O1 EDO E . -12.52 32.92 -2.05
C2 EDO E . -12.06 34.05 0.05
O2 EDO E . -13.48 34.16 0.14
C1 EDO F . -19.87 31.68 -3.81
O1 EDO F . -20.11 31.04 -2.53
C2 EDO F . -18.36 31.78 -4.07
O2 EDO F . -18.02 33.14 -4.30
C1 EDO G . -10.51 38.38 9.49
O1 EDO G . -9.07 38.53 9.47
C2 EDO G . -11.23 39.62 8.99
O2 EDO G . -12.59 39.50 9.35
C1 EDO H . -1.98 38.25 6.84
O1 EDO H . -3.38 38.55 6.66
C2 EDO H . -1.31 37.57 5.65
O2 EDO H . -0.22 36.71 6.04
C1 EDO I . 5.25 19.65 1.61
O1 EDO I . 6.04 19.27 0.46
C2 EDO I . 5.21 21.14 1.90
O2 EDO I . 5.17 21.97 0.73
C1 EDO J . -8.47 10.47 27.78
O1 EDO J . -8.74 9.42 28.70
C2 EDO J . -7.37 9.93 26.96
O2 EDO J . -6.18 10.66 27.16
C1 EDO K . -29.35 23.36 -6.94
O1 EDO K . -29.51 23.55 -5.54
C2 EDO K . -28.04 23.93 -7.49
O2 EDO K . -27.54 25.06 -6.80
C1 EDO L . 32.31 3.55 -4.00
O1 EDO L . 33.43 3.89 -4.83
C2 EDO L . 31.88 4.87 -3.43
O2 EDO L . 32.45 4.94 -2.14
C1 EDO M . 19.43 -24.76 9.67
O1 EDO M . 19.80 -23.54 9.07
C2 EDO M . 19.12 -24.50 11.14
O2 EDO M . 17.70 -24.33 11.29
C1 EDO N . 26.88 -26.60 -15.22
O1 EDO N . 27.83 -26.41 -16.28
C2 EDO N . 25.54 -27.03 -15.76
O2 EDO N . 25.02 -26.05 -16.65
C1 EDO O . 12.65 -18.86 12.32
O1 EDO O . 13.98 -18.96 11.80
C2 EDO O . 12.16 -20.28 12.40
O2 EDO O . 12.94 -21.06 11.48
C1 EDO P . 13.95 -13.37 -13.78
O1 EDO P . 13.29 -12.15 -13.28
C2 EDO P . 12.87 -14.01 -14.64
O2 EDO P . 13.05 -15.42 -14.91
C1 EDO Q . -1.54 -18.59 13.23
O1 EDO Q . -1.51 -17.20 12.80
C2 EDO Q . -0.43 -18.85 14.23
O2 EDO Q . 0.87 -18.48 13.71
C1 EDO R . 10.06 -37.99 -19.86
O1 EDO R . 9.38 -38.53 -18.71
C2 EDO R . 11.55 -38.05 -19.61
O2 EDO R . 11.76 -39.13 -18.67
C1 EDO S . 15.10 -44.60 2.31
O1 EDO S . 14.00 -45.25 1.65
C2 EDO S . 16.16 -45.53 2.90
O2 EDO S . 15.48 -46.29 3.89
C1 EDO T . -3.78 -18.34 4.04
O1 EDO T . -3.90 -16.95 4.45
C2 EDO T . -2.97 -19.23 4.98
O2 EDO T . -2.85 -18.62 6.27
C1 EDO U . 2.77 -22.74 15.81
O1 EDO U . 1.47 -22.34 15.41
C2 EDO U . 3.13 -23.93 14.93
O2 EDO U . 4.51 -24.09 15.04
C1 EDO V . 12.11 3.80 -15.89
O1 EDO V . 10.75 4.25 -15.89
C2 EDO V . 12.76 4.14 -17.21
O2 EDO V . 13.23 5.48 -17.07
C1 EDO W . 23.07 -7.99 -17.68
O1 EDO W . 22.11 -7.00 -17.29
C2 EDO W . 24.45 -7.38 -17.98
O2 EDO W . 25.09 -6.88 -16.78
C1 EDO X . 15.03 -11.13 -18.10
O1 EDO X . 13.64 -11.32 -18.21
C2 EDO X . 15.64 -12.34 -17.45
O2 EDO X . 16.64 -11.87 -16.54
#